data_7C2O
#
_entry.id   7C2O
#
_cell.length_a   65.392
_cell.length_b   100.950
_cell.length_c   115.277
_cell.angle_alpha   90.000
_cell.angle_beta   90.000
_cell.angle_gamma   90.000
#
_symmetry.space_group_name_H-M   'P 21 21 21'
#
loop_
_entity.id
_entity.type
_entity.pdbx_description
1 polymer 'R-specific carbonyl reductase'
2 non-polymer 'ZINC ION'
3 non-polymer 'NADPH DIHYDRO-NICOTINAMIDE-ADENINE-DINUCLEOTIDE PHOSPHATE'
4 non-polymer '4-(2-HYDROXYETHYL)-1-PIPERAZINE ETHANESULFONIC ACID'
5 water water
#
_entity_poly.entity_id   1
_entity_poly.type   'polypeptide(L)'
_entity_poly.pdbx_seq_one_letter_code
;MTKAVPDKFQGFAVSDPKNWNRPKLASYERKQINPHDVVLKNEVCGLCYSDIHTLSAGWQPLQRDNLVVGHEIIGEVIAV
GDEVTEFKVGDRVGIGAASSSCRSCQRCDSDNEQYCKQGAATYNSKDVRSNNYVTQGGYSSHSIADEKFVFAIPEDLPSS
YGAPLMCAGITVFSPLIRNLGLDARGKNVGIIGIGGLGHLALQFANAMGANVTAFSRSSSKKEQAMKLGAHDFVATGEDK
TWYKNYDDHFDFILNCASGIDGLNLSEYLSTLKVDKKFVSVGLPPSEDKFEVSPFTFLQQGASFGSSLLGSKTEVKEMLN
LAAKHNVRPMIEEVPISEENCAKALDRCHAGDVRYRFVFTDFDKAFKA
;
_entity_poly.pdbx_strand_id   A,B
#
loop_
_chem_comp.id
_chem_comp.type
_chem_comp.name
_chem_comp.formula
EPE non-polymer '4-(2-HYDROXYETHYL)-1-PIPERAZINE ETHANESULFONIC ACID' 'C8 H18 N2 O4 S'
NDP non-polymer 'NADPH DIHYDRO-NICOTINAMIDE-ADENINE-DINUCLEOTIDE PHOSPHATE' 'C21 H30 N7 O17 P3'
ZN non-polymer 'ZINC ION' 'Zn 2'
#
# COMPACT_ATOMS: atom_id res chain seq x y z
N LYS A 3 15.51 -23.40 42.73
N LYS A 3 17.59 -22.49 44.20
CA LYS A 3 16.68 -22.60 43.06
CA LYS A 3 16.69 -22.65 43.05
C LYS A 3 17.24 -21.90 41.83
C LYS A 3 17.20 -21.90 41.83
N ALA A 4 17.12 -22.55 40.67
CA ALA A 4 17.65 -21.97 39.44
C ALA A 4 16.87 -20.71 39.03
N VAL A 5 15.56 -20.84 38.85
CA VAL A 5 14.71 -19.74 38.45
C VAL A 5 13.72 -19.48 39.56
N PRO A 6 13.59 -18.24 40.04
CA PRO A 6 12.60 -17.94 41.07
C PRO A 6 11.19 -18.05 40.53
N ASP A 7 10.22 -18.14 41.46
CA ASP A 7 8.82 -18.18 41.05
C ASP A 7 8.30 -16.79 40.68
N LYS A 8 8.91 -15.74 41.23
CA LYS A 8 8.47 -14.37 41.01
C LYS A 8 9.64 -13.54 40.48
N PHE A 9 9.33 -12.67 39.52
CA PHE A 9 10.29 -11.73 38.97
C PHE A 9 10.08 -10.34 39.54
N GLN A 10 11.14 -9.55 39.53
CA GLN A 10 11.08 -8.15 39.93
C GLN A 10 11.10 -7.26 38.68
N GLY A 11 10.38 -6.15 38.74
CA GLY A 11 10.32 -5.23 37.63
C GLY A 11 9.62 -3.95 38.01
N PHE A 12 9.88 -2.91 37.21
CA PHE A 12 9.26 -1.60 37.39
C PHE A 12 7.97 -1.56 36.58
N ALA A 13 6.83 -1.66 37.25
CA ALA A 13 5.55 -1.85 36.60
C ALA A 13 4.63 -0.65 36.82
N VAL A 14 3.56 -0.63 36.03
CA VAL A 14 2.50 0.37 36.14
C VAL A 14 1.16 -0.36 36.02
N SER A 15 0.21 0.02 36.88
CA SER A 15 -1.11 -0.60 36.88
C SER A 15 -2.25 0.40 36.66
N ASP A 16 -1.96 1.70 36.56
CA ASP A 16 -2.97 2.70 36.30
C ASP A 16 -2.47 3.55 35.13
N PRO A 17 -3.29 3.75 34.09
CA PRO A 17 -2.83 4.53 32.93
C PRO A 17 -2.54 5.98 33.27
N LYS A 18 -3.14 6.53 34.34
CA LYS A 18 -2.83 7.90 34.75
C LYS A 18 -1.42 8.02 35.30
N ASN A 19 -0.89 6.94 35.89
CA ASN A 19 0.48 6.92 36.41
C ASN A 19 1.44 6.30 35.39
N TRP A 20 1.32 6.69 34.12
CA TRP A 20 2.12 6.07 33.07
C TRP A 20 3.60 6.37 33.23
N ASN A 21 3.94 7.53 33.81
CA ASN A 21 5.33 7.95 33.93
C ASN A 21 5.88 7.79 35.35
N ARG A 22 5.17 7.07 36.23
CA ARG A 22 5.62 6.82 37.59
C ARG A 22 5.61 5.32 37.87
N PRO A 23 6.54 4.57 37.28
CA PRO A 23 6.53 3.11 37.46
C PRO A 23 7.04 2.69 38.83
N LYS A 24 6.38 1.69 39.39
CA LYS A 24 6.67 1.18 40.72
C LYS A 24 7.41 -0.16 40.62
N LEU A 25 8.32 -0.39 41.57
CA LEU A 25 8.98 -1.68 41.69
C LEU A 25 8.03 -2.69 42.35
N ALA A 26 7.80 -3.80 41.68
CA ALA A 26 6.86 -4.81 42.17
C ALA A 26 7.39 -6.20 41.83
N SER A 27 6.84 -7.20 42.52
CA SER A 27 7.20 -8.59 42.31
C SER A 27 5.98 -9.35 41.81
N TYR A 28 6.11 -9.96 40.63
CA TYR A 28 5.01 -10.63 39.96
C TYR A 28 5.40 -12.07 39.64
N GLU A 29 4.41 -12.95 39.63
CA GLU A 29 4.63 -14.34 39.28
C GLU A 29 5.10 -14.44 37.82
N ARG A 30 6.17 -15.21 37.62
CA ARG A 30 6.73 -15.37 36.28
C ARG A 30 5.85 -16.26 35.42
N LYS A 31 6.15 -16.28 34.13
CA LYS A 31 5.46 -17.15 33.20
C LYS A 31 6.02 -18.57 33.29
N GLN A 32 5.19 -19.54 32.95
CA GLN A 32 5.65 -20.91 32.88
C GLN A 32 6.74 -21.05 31.81
N ILE A 33 7.66 -21.97 32.04
CA ILE A 33 8.75 -22.23 31.11
C ILE A 33 8.38 -23.47 30.30
N ASN A 34 8.05 -23.26 29.04
CA ASN A 34 7.68 -24.33 28.12
C ASN A 34 8.92 -24.82 27.38
N PRO A 35 8.86 -26.04 26.78
CA PRO A 35 10.09 -26.69 26.28
C PRO A 35 10.93 -25.88 25.30
N HIS A 36 10.38 -24.83 24.71
CA HIS A 36 11.12 -24.01 23.76
C HIS A 36 11.46 -22.62 24.30
N ASP A 37 11.21 -22.37 25.58
CA ASP A 37 11.40 -21.06 26.16
C ASP A 37 12.82 -20.88 26.67
N VAL A 38 13.26 -19.62 26.72
CA VAL A 38 14.58 -19.27 27.21
C VAL A 38 14.41 -18.29 28.36
N VAL A 39 15.14 -18.51 29.45
CA VAL A 39 15.09 -17.65 30.62
C VAL A 39 16.38 -16.85 30.68
N LEU A 40 16.25 -15.52 30.76
CA LEU A 40 17.39 -14.62 30.77
C LEU A 40 17.48 -13.89 32.10
N LYS A 41 18.71 -13.57 32.50
CA LYS A 41 18.97 -12.62 33.58
C LYS A 41 19.27 -11.29 32.91
N ASN A 42 18.28 -10.40 32.90
CA ASN A 42 18.39 -9.16 32.14
C ASN A 42 19.56 -8.32 32.62
N GLU A 43 20.36 -7.83 31.67
CA GLU A 43 21.47 -6.93 31.94
C GLU A 43 21.19 -5.50 31.51
N VAL A 44 20.63 -5.31 30.31
CA VAL A 44 20.27 -3.99 29.80
C VAL A 44 18.89 -4.08 29.16
N CYS A 45 18.29 -2.91 28.92
CA CYS A 45 17.05 -2.81 28.17
C CYS A 45 16.81 -1.38 27.70
N GLY A 46 16.65 -1.20 26.38
CA GLY A 46 16.45 0.13 25.84
C GLY A 46 15.02 0.64 26.03
N LEU A 47 14.88 1.95 25.91
CA LEU A 47 13.57 2.60 26.01
C LEU A 47 13.04 2.84 24.59
N CYS A 48 11.90 2.23 24.29
CA CYS A 48 11.24 2.44 23.01
C CYS A 48 9.91 3.14 23.26
N TYR A 49 9.53 4.04 22.34
CA TYR A 49 8.32 4.85 22.56
C TYR A 49 7.05 4.00 22.62
N SER A 50 7.12 2.75 22.15
CA SER A 50 6.00 1.84 22.34
C SER A 50 5.72 1.60 23.82
N ASP A 51 6.76 1.72 24.66
CA ASP A 51 6.57 1.60 26.10
C ASP A 51 5.68 2.72 26.63
N ILE A 52 5.90 3.95 26.16
CA ILE A 52 5.06 5.06 26.60
C ILE A 52 3.62 4.86 26.11
N HIS A 53 3.46 4.56 24.82
CA HIS A 53 2.12 4.33 24.29
C HIS A 53 1.40 3.18 25.00
N THR A 54 2.15 2.15 25.39
CA THR A 54 1.55 1.05 26.14
C THR A 54 1.14 1.48 27.54
N LEU A 55 2.06 2.15 28.26
CA LEU A 55 1.76 2.59 29.61
C LEU A 55 0.71 3.69 29.64
N SER A 56 0.69 4.55 28.64
CA SER A 56 -0.28 5.64 28.58
C SER A 56 -1.65 5.19 28.09
N ALA A 57 -1.80 3.91 27.73
CA ALA A 57 -3.02 3.39 27.12
C ALA A 57 -3.40 4.17 25.86
N GLY A 58 -2.39 4.66 25.13
CA GLY A 58 -2.65 5.38 23.90
C GLY A 58 -3.17 4.51 22.77
N TRP A 59 -2.91 3.20 22.82
CA TRP A 59 -3.42 2.25 21.86
C TRP A 59 -4.56 1.41 22.42
N GLN A 60 -4.43 0.92 23.64
CA GLN A 60 -5.40 0.04 24.26
C GLN A 60 -5.19 0.07 25.76
N PRO A 61 -6.21 -0.26 26.55
CA PRO A 61 -6.03 -0.29 28.01
C PRO A 61 -5.02 -1.33 28.43
N LEU A 62 -4.56 -1.19 29.67
CA LEU A 62 -3.60 -2.14 30.24
C LEU A 62 -4.25 -3.51 30.36
N GLN A 63 -3.68 -4.51 29.70
CA GLN A 63 -4.27 -5.84 29.69
C GLN A 63 -3.98 -6.62 30.96
N ARG A 64 -3.35 -6.02 31.96
CA ARG A 64 -3.02 -6.70 33.20
C ARG A 64 -2.67 -5.67 34.26
N ASP A 65 -2.67 -6.12 35.51
CA ASP A 65 -2.21 -5.31 36.62
C ASP A 65 -0.70 -5.48 36.78
N ASN A 66 -0.03 -4.42 37.23
CA ASN A 66 1.42 -4.41 37.39
C ASN A 66 2.10 -4.83 36.10
N LEU A 67 2.19 -3.90 35.13
CA LEU A 67 2.67 -4.21 33.79
C LEU A 67 4.10 -3.72 33.63
N VAL A 68 5.02 -4.66 33.45
CA VAL A 68 6.40 -4.34 33.12
C VAL A 68 6.53 -4.22 31.61
N VAL A 69 7.12 -3.12 31.14
CA VAL A 69 7.29 -2.90 29.71
C VAL A 69 8.77 -2.96 29.35
N GLY A 70 9.11 -2.48 28.15
CA GLY A 70 10.47 -2.57 27.65
C GLY A 70 10.69 -3.85 26.87
N HIS A 71 11.12 -3.73 25.61
CA HIS A 71 11.27 -4.89 24.75
C HIS A 71 12.54 -4.78 23.92
N GLU A 72 13.64 -4.38 24.56
CA GLU A 72 14.95 -4.36 23.93
C GLU A 72 15.97 -4.96 24.92
N ILE A 73 15.76 -6.23 25.25
CA ILE A 73 16.47 -6.89 26.34
C ILE A 73 17.73 -7.56 25.81
N ILE A 74 18.85 -7.33 26.50
CA ILE A 74 20.06 -8.13 26.33
C ILE A 74 20.35 -8.77 27.68
N GLY A 75 20.23 -10.10 27.74
CA GLY A 75 20.46 -10.79 28.99
C GLY A 75 21.39 -11.99 28.87
N GLU A 76 21.54 -12.74 29.96
CA GLU A 76 22.34 -13.96 29.97
C GLU A 76 21.42 -15.13 30.26
N VAL A 77 21.58 -16.21 29.49
CA VAL A 77 20.71 -17.37 29.63
C VAL A 77 20.99 -18.05 30.95
N ILE A 78 19.97 -18.09 31.82
CA ILE A 78 20.08 -18.82 33.09
C ILE A 78 19.31 -20.13 33.07
N ALA A 79 18.40 -20.33 32.12
CA ALA A 79 17.64 -21.57 32.02
C ALA A 79 17.00 -21.64 30.64
N VAL A 80 16.74 -22.86 30.19
CA VAL A 80 16.15 -23.12 28.89
C VAL A 80 15.22 -24.31 28.99
N GLY A 81 14.35 -24.44 28.00
CA GLY A 81 13.42 -25.56 27.95
C GLY A 81 14.11 -26.87 27.64
N ASP A 82 13.35 -27.88 27.21
CA ASP A 82 13.93 -29.16 26.86
C ASP A 82 14.07 -29.36 25.35
N GLU A 83 13.28 -28.65 24.55
CA GLU A 83 13.37 -28.73 23.10
C GLU A 83 14.24 -27.63 22.51
N VAL A 84 14.82 -26.77 23.34
CA VAL A 84 15.72 -25.73 22.86
C VAL A 84 16.97 -26.36 22.28
N THR A 85 17.41 -25.83 21.13
CA THR A 85 18.63 -26.29 20.49
C THR A 85 19.63 -25.19 20.20
N GLU A 86 19.24 -23.92 20.28
CA GLU A 86 20.10 -22.84 19.82
C GLU A 86 20.93 -22.20 20.92
N PHE A 87 20.47 -22.23 22.17
CA PHE A 87 21.10 -21.49 23.24
C PHE A 87 21.36 -22.38 24.45
N LYS A 88 22.39 -22.04 25.20
CA LYS A 88 22.78 -22.79 26.39
C LYS A 88 22.90 -21.83 27.56
N VAL A 89 23.02 -22.39 28.76
CA VAL A 89 23.16 -21.57 29.95
C VAL A 89 24.43 -20.75 29.85
N GLY A 90 24.31 -19.45 30.11
CA GLY A 90 25.45 -18.54 30.09
C GLY A 90 25.63 -17.77 28.81
N ASP A 91 24.83 -18.06 27.78
CA ASP A 91 24.93 -17.32 26.53
C ASP A 91 24.39 -15.91 26.69
N ARG A 92 25.03 -14.95 26.02
CA ARG A 92 24.54 -13.58 25.96
C ARG A 92 23.67 -13.43 24.73
N VAL A 93 22.41 -13.05 24.92
CA VAL A 93 21.41 -13.04 23.86
C VAL A 93 20.53 -11.81 24.01
N GLY A 94 19.61 -11.65 23.07
CA GLY A 94 18.70 -10.51 23.08
C GLY A 94 17.29 -10.93 22.75
N ILE A 95 16.35 -10.09 23.17
CA ILE A 95 14.91 -10.32 22.97
C ILE A 95 14.29 -9.03 22.48
N GLY A 96 13.52 -9.11 21.39
CA GLY A 96 12.88 -7.95 20.81
C GLY A 96 11.49 -7.67 21.34
N ALA A 97 10.59 -7.23 20.47
CA ALA A 97 9.24 -6.87 20.87
C ALA A 97 8.26 -8.03 20.81
N ALA A 98 8.62 -9.15 20.18
CA ALA A 98 7.82 -10.36 20.17
C ALA A 98 8.54 -11.45 20.94
N SER A 99 7.76 -12.34 21.55
CA SER A 99 8.30 -13.37 22.41
C SER A 99 7.92 -14.79 22.03
N SER A 100 6.80 -14.99 21.34
CA SER A 100 6.37 -16.35 21.01
C SER A 100 5.48 -16.29 19.78
N SER A 101 5.19 -17.47 19.24
CA SER A 101 4.33 -17.62 18.08
C SER A 101 3.76 -19.03 18.09
N CYS A 102 2.88 -19.32 17.12
CA CYS A 102 2.13 -20.58 17.15
C CYS A 102 3.01 -21.78 16.86
N ARG A 103 4.13 -21.59 16.15
CA ARG A 103 5.04 -22.67 15.75
C ARG A 103 4.35 -23.72 14.88
N SER A 104 3.22 -23.37 14.27
CA SER A 104 2.50 -24.30 13.41
C SER A 104 1.91 -23.65 12.17
N CYS A 105 2.15 -22.36 11.94
CA CYS A 105 1.63 -21.71 10.75
C CYS A 105 2.67 -21.79 9.63
N GLN A 106 2.29 -21.30 8.45
CA GLN A 106 3.25 -21.17 7.37
C GLN A 106 4.19 -19.99 7.59
N ARG A 107 3.72 -18.95 8.27
CA ARG A 107 4.57 -17.78 8.50
C ARG A 107 5.72 -18.10 9.45
N CYS A 108 5.49 -18.98 10.42
CA CYS A 108 6.54 -19.38 11.35
C CYS A 108 7.66 -20.15 10.66
N ASP A 109 7.36 -20.81 9.55
CA ASP A 109 8.35 -21.56 8.78
C ASP A 109 8.83 -20.80 7.55
N SER A 110 8.25 -19.63 7.26
CA SER A 110 8.62 -18.85 6.10
C SER A 110 9.28 -17.52 6.48
N ASP A 111 10.00 -17.51 7.60
CA ASP A 111 10.70 -16.31 8.09
C ASP A 111 9.75 -15.13 8.27
N ASN A 112 8.56 -15.42 8.82
CA ASN A 112 7.58 -14.38 9.11
C ASN A 112 6.89 -14.63 10.45
N GLU A 113 7.62 -15.21 11.41
CA GLU A 113 7.05 -15.56 12.70
C GLU A 113 6.56 -14.35 13.47
N GLN A 114 7.06 -13.14 13.14
CA GLN A 114 6.56 -11.94 13.78
C GLN A 114 5.14 -11.59 13.35
N TYR A 115 4.70 -12.11 12.19
CA TYR A 115 3.36 -11.89 11.69
C TYR A 115 2.42 -13.06 11.99
N CYS A 116 2.77 -13.89 12.96
CA CYS A 116 1.91 -15.00 13.35
C CYS A 116 0.62 -14.48 13.94
N LYS A 117 -0.51 -15.06 13.50
CA LYS A 117 -1.81 -14.60 13.95
C LYS A 117 -1.97 -14.78 15.45
N GLN A 118 -1.43 -15.86 16.00
CA GLN A 118 -1.49 -16.13 17.42
C GLN A 118 -0.21 -15.72 18.15
N GLY A 119 0.55 -14.79 17.58
CA GLY A 119 1.76 -14.33 18.24
C GLY A 119 1.45 -13.53 19.49
N ALA A 120 2.43 -13.44 20.37
CA ALA A 120 2.31 -12.72 21.63
C ALA A 120 3.46 -11.74 21.76
N ALA A 121 3.14 -10.48 22.08
CA ALA A 121 4.14 -9.45 22.23
C ALA A 121 4.99 -9.69 23.48
N THR A 122 6.04 -8.88 23.62
CA THR A 122 6.93 -9.04 24.77
C THR A 122 6.25 -8.59 26.06
N TYR A 123 5.40 -7.56 25.99
CA TYR A 123 4.63 -7.13 27.14
C TYR A 123 3.21 -6.79 26.68
N ASN A 124 2.28 -6.82 27.64
CA ASN A 124 0.90 -6.36 27.45
C ASN A 124 0.18 -7.16 26.37
N SER A 125 0.37 -8.48 26.38
CA SER A 125 -0.25 -9.35 25.39
C SER A 125 -0.47 -10.72 26.02
N LYS A 126 -1.64 -11.30 25.76
CA LYS A 126 -1.99 -12.59 26.34
C LYS A 126 -1.39 -13.70 25.50
N ASP A 127 -0.61 -14.57 26.14
CA ASP A 127 0.04 -15.69 25.48
C ASP A 127 -0.87 -16.91 25.57
N VAL A 128 -1.47 -17.28 24.43
CA VAL A 128 -2.37 -18.43 24.39
C VAL A 128 -1.66 -19.75 24.60
N ARG A 129 -0.33 -19.77 24.55
CA ARG A 129 0.43 -20.98 24.80
C ARG A 129 0.90 -21.10 26.24
N SER A 130 0.58 -20.12 27.08
CA SER A 130 0.96 -20.13 28.49
C SER A 130 -0.26 -19.83 29.36
N ASN A 131 -1.41 -20.40 29.00
CA ASN A 131 -2.66 -20.22 29.74
C ASN A 131 -3.04 -18.75 29.84
N ASN A 132 -2.91 -18.03 28.72
CA ASN A 132 -3.35 -16.64 28.61
C ASN A 132 -2.67 -15.76 29.66
N TYR A 133 -1.37 -15.99 29.86
CA TYR A 133 -0.56 -15.16 30.74
C TYR A 133 -0.17 -13.88 30.01
N VAL A 134 -0.61 -12.74 30.51
CA VAL A 134 -0.27 -11.47 29.88
C VAL A 134 1.22 -11.23 30.01
N THR A 135 1.88 -11.03 28.87
CA THR A 135 3.34 -10.97 28.84
C THR A 135 3.87 -9.74 29.57
N GLN A 136 5.10 -9.87 30.10
CA GLN A 136 5.76 -8.82 30.85
C GLN A 136 7.06 -8.42 30.16
N GLY A 137 7.38 -7.13 30.20
CA GLY A 137 8.46 -6.56 29.41
C GLY A 137 9.84 -6.81 29.97
N GLY A 138 10.75 -5.89 29.67
CA GLY A 138 12.15 -6.06 30.00
C GLY A 138 12.68 -5.12 31.06
N TYR A 139 11.82 -4.25 31.61
CA TYR A 139 12.24 -3.42 32.73
C TYR A 139 12.30 -4.27 34.00
N SER A 140 12.88 -5.46 33.92
CA SER A 140 12.65 -6.47 34.93
C SER A 140 13.93 -7.21 35.24
N SER A 141 13.83 -8.08 36.25
CA SER A 141 14.98 -8.89 36.64
C SER A 141 15.25 -9.99 35.63
N HIS A 142 14.21 -10.58 35.06
CA HIS A 142 14.36 -11.69 34.14
C HIS A 142 13.33 -11.56 33.01
N SER A 143 13.62 -12.25 31.90
CA SER A 143 12.70 -12.30 30.78
C SER A 143 12.59 -13.73 30.30
N ILE A 144 11.43 -14.05 29.72
CA ILE A 144 11.16 -15.37 29.16
C ILE A 144 10.65 -15.18 27.73
N ALA A 145 11.19 -15.96 26.80
CA ALA A 145 10.75 -15.88 25.41
C ALA A 145 11.06 -17.18 24.70
N ASP A 146 10.27 -17.45 23.66
CA ASP A 146 10.52 -18.61 22.81
C ASP A 146 11.85 -18.46 22.08
N GLU A 147 12.54 -19.58 21.87
CA GLU A 147 13.88 -19.53 21.29
C GLU A 147 13.86 -18.99 19.86
N LYS A 148 12.71 -19.00 19.20
CA LYS A 148 12.63 -18.39 17.87
C LYS A 148 12.64 -16.88 17.92
N PHE A 149 12.41 -16.30 19.10
CA PHE A 149 12.44 -14.85 19.27
C PHE A 149 13.60 -14.39 20.15
N VAL A 150 14.49 -15.30 20.52
CA VAL A 150 15.72 -14.97 21.24
C VAL A 150 16.86 -14.94 20.24
N PHE A 151 17.62 -13.85 20.23
CA PHE A 151 18.65 -13.62 19.23
C PHE A 151 20.03 -13.60 19.88
N ALA A 152 20.98 -14.33 19.29
CA ALA A 152 22.34 -14.32 19.80
C ALA A 152 23.00 -12.98 19.54
N ILE A 153 23.93 -12.61 20.41
CA ILE A 153 24.66 -11.35 20.34
C ILE A 153 26.13 -11.67 20.08
N PRO A 154 26.78 -11.03 19.11
CA PRO A 154 28.21 -11.26 18.92
C PRO A 154 29.03 -10.77 20.09
N GLU A 155 30.15 -11.45 20.34
CA GLU A 155 31.01 -11.10 21.47
C GLU A 155 31.75 -9.78 21.28
N ASP A 156 31.62 -9.14 20.12
CA ASP A 156 32.21 -7.83 19.89
C ASP A 156 31.26 -6.69 20.19
N LEU A 157 29.95 -6.93 20.14
CA LEU A 157 28.97 -5.88 20.31
C LEU A 157 28.67 -5.68 21.79
N PRO A 158 28.89 -4.49 22.35
CA PRO A 158 28.48 -4.23 23.74
C PRO A 158 26.98 -4.40 23.90
N SER A 159 26.57 -4.79 25.11
CA SER A 159 25.17 -5.08 25.36
C SER A 159 24.30 -3.83 25.29
N SER A 160 24.75 -2.73 25.92
CA SER A 160 23.95 -1.51 25.93
C SER A 160 23.84 -0.90 24.53
N TYR A 161 24.84 -1.10 23.68
CA TYR A 161 24.77 -0.59 22.32
C TYR A 161 23.99 -1.52 21.40
N GLY A 162 23.92 -2.82 21.72
CA GLY A 162 23.12 -3.75 20.96
C GLY A 162 21.67 -3.84 21.38
N ALA A 163 21.31 -3.28 22.53
CA ALA A 163 19.93 -3.34 22.98
C ALA A 163 18.96 -2.65 22.02
N PRO A 164 19.22 -1.42 21.53
CA PRO A 164 18.27 -0.80 20.59
C PRO A 164 18.09 -1.59 19.30
N LEU A 165 19.05 -2.45 18.94
CA LEU A 165 18.92 -3.20 17.70
C LEU A 165 17.93 -4.35 17.79
N MET A 166 17.55 -4.76 19.01
CA MET A 166 16.58 -5.83 19.15
C MET A 166 15.18 -5.42 18.74
N CYS A 167 14.88 -4.13 18.71
CA CYS A 167 13.57 -3.67 18.28
C CYS A 167 13.69 -2.51 17.30
N ALA A 168 14.39 -1.44 17.71
CA ALA A 168 14.52 -0.28 16.84
C ALA A 168 15.27 -0.63 15.56
N GLY A 169 16.35 -1.40 15.68
CA GLY A 169 17.12 -1.75 14.49
C GLY A 169 16.37 -2.68 13.55
N ILE A 170 15.78 -3.75 14.10
CA ILE A 170 15.12 -4.72 13.23
C ILE A 170 13.85 -4.15 12.63
N THR A 171 13.18 -3.23 13.33
CA THR A 171 11.93 -2.68 12.84
C THR A 171 12.13 -1.79 11.61
N VAL A 172 13.32 -1.25 11.41
CA VAL A 172 13.58 -0.41 10.24
C VAL A 172 14.37 -1.21 9.21
N PHE A 173 15.13 -2.20 9.67
CA PHE A 173 15.93 -3.00 8.74
C PHE A 173 15.05 -3.90 7.88
N SER A 174 14.00 -4.48 8.47
CA SER A 174 13.17 -5.42 7.73
C SER A 174 12.38 -4.77 6.61
N PRO A 175 11.67 -3.65 6.81
CA PRO A 175 11.04 -2.98 5.65
C PRO A 175 12.05 -2.46 4.66
N LEU A 176 13.29 -2.18 5.08
CA LEU A 176 14.31 -1.73 4.15
C LEU A 176 14.81 -2.89 3.30
N ILE A 177 15.09 -4.04 3.93
CA ILE A 177 15.62 -5.17 3.17
C ILE A 177 14.55 -5.76 2.25
N ARG A 178 13.27 -5.61 2.62
CA ARG A 178 12.19 -6.21 1.82
C ARG A 178 11.74 -5.32 0.69
N ASN A 179 11.90 -4.00 0.80
CA ASN A 179 11.49 -3.07 -0.25
C ASN A 179 12.66 -2.54 -1.07
N LEU A 180 13.89 -2.75 -0.61
CA LEU A 180 15.08 -2.31 -1.33
C LEU A 180 16.03 -3.44 -1.67
N GLY A 181 16.11 -4.47 -0.84
CA GLY A 181 17.17 -5.46 -0.95
C GLY A 181 18.46 -4.94 -0.35
N LEU A 182 19.42 -5.85 -0.21
CA LEU A 182 20.75 -5.45 0.27
C LEU A 182 21.51 -4.61 -0.74
N ASP A 183 21.08 -4.59 -2.00
CA ASP A 183 21.70 -3.82 -3.06
C ASP A 183 20.72 -2.72 -3.48
N ALA A 184 20.69 -1.64 -2.72
CA ALA A 184 19.84 -0.48 -3.00
C ALA A 184 20.61 0.62 -3.70
N ARG A 185 21.51 0.27 -4.62
CA ARG A 185 22.28 1.28 -5.34
C ARG A 185 21.35 2.07 -6.25
N GLY A 186 21.31 3.39 -6.05
CA GLY A 186 20.50 4.27 -6.85
C GLY A 186 19.11 4.56 -6.30
N LYS A 187 18.61 3.72 -5.39
CA LYS A 187 17.30 3.96 -4.82
C LYS A 187 17.30 5.19 -3.91
N ASN A 188 16.15 5.85 -3.84
CA ASN A 188 15.98 7.03 -3.01
C ASN A 188 15.05 6.68 -1.86
N VAL A 189 15.53 6.84 -0.63
CA VAL A 189 14.80 6.48 0.57
C VAL A 189 14.47 7.74 1.36
N GLY A 190 13.31 7.75 1.99
CA GLY A 190 12.92 8.85 2.86
C GLY A 190 12.51 8.35 4.23
N ILE A 191 13.13 8.90 5.28
CA ILE A 191 12.86 8.50 6.65
C ILE A 191 12.28 9.71 7.38
N ILE A 192 11.11 9.52 8.00
CA ILE A 192 10.43 10.58 8.73
C ILE A 192 10.55 10.29 10.23
N GLY A 193 10.70 11.36 11.01
CA GLY A 193 10.83 11.22 12.45
C GLY A 193 12.17 10.67 12.88
N ILE A 194 13.16 11.54 13.05
CA ILE A 194 14.51 11.12 13.39
C ILE A 194 14.60 10.89 14.89
N GLY A 195 14.17 9.72 15.34
CA GLY A 195 14.26 9.37 16.75
C GLY A 195 14.97 8.05 16.97
N GLY A 196 14.42 7.19 17.83
CA GLY A 196 15.05 5.91 18.08
C GLY A 196 15.16 5.07 16.82
N LEU A 197 14.04 4.86 16.14
CA LEU A 197 14.05 4.10 14.90
C LEU A 197 14.58 4.92 13.72
N GLY A 198 14.29 6.22 13.71
CA GLY A 198 14.70 7.04 12.58
C GLY A 198 16.20 7.19 12.47
N HIS A 199 16.86 7.53 13.58
CA HIS A 199 18.31 7.70 13.56
C HIS A 199 19.03 6.41 13.22
N LEU A 200 18.42 5.25 13.47
CA LEU A 200 19.02 4.00 13.02
C LEU A 200 18.70 3.73 11.56
N ALA A 201 17.48 4.06 11.13
CA ALA A 201 17.11 3.86 9.73
C ALA A 201 18.01 4.64 8.79
N LEU A 202 18.46 5.83 9.21
CA LEU A 202 19.38 6.60 8.38
C LEU A 202 20.71 5.87 8.20
N GLN A 203 21.13 5.12 9.22
CA GLN A 203 22.38 4.37 9.12
C GLN A 203 22.22 3.12 8.26
N PHE A 204 21.12 2.38 8.45
CA PHE A 204 20.91 1.17 7.68
C PHE A 204 20.66 1.48 6.21
N ALA A 205 19.83 2.48 5.93
CA ALA A 205 19.58 2.87 4.55
C ALA A 205 20.85 3.40 3.87
N ASN A 206 21.75 4.02 4.64
CA ASN A 206 23.03 4.42 4.09
C ASN A 206 23.87 3.20 3.73
N ALA A 207 23.87 2.19 4.58
CA ALA A 207 24.63 0.97 4.29
C ALA A 207 24.08 0.25 3.07
N MET A 208 22.79 0.41 2.78
CA MET A 208 22.20 -0.20 1.58
C MET A 208 22.78 0.40 0.30
N GLY A 209 23.46 1.54 0.38
CA GLY A 209 23.94 2.21 -0.81
C GLY A 209 22.89 3.04 -1.50
N ALA A 210 21.94 3.59 -0.76
CA ALA A 210 20.83 4.34 -1.32
C ALA A 210 20.88 5.79 -0.85
N ASN A 211 20.30 6.68 -1.65
CA ASN A 211 20.27 8.11 -1.33
CA ASN A 211 20.27 8.11 -1.33
C ASN A 211 19.21 8.35 -0.25
N VAL A 212 19.66 8.68 0.95
CA VAL A 212 18.78 8.87 2.11
C VAL A 212 18.42 10.34 2.23
N THR A 213 17.15 10.61 2.50
CA THR A 213 16.65 11.96 2.73
C THR A 213 15.94 11.98 4.07
N ALA A 214 16.54 12.64 5.04
CA ALA A 214 15.97 12.70 6.39
C ALA A 214 14.86 13.75 6.46
N PHE A 215 13.84 13.45 7.27
CA PHE A 215 12.68 14.32 7.41
C PHE A 215 12.46 14.62 8.89
N SER A 216 12.60 15.89 9.26
CA SER A 216 12.38 16.34 10.62
C SER A 216 11.31 17.41 10.65
N ARG A 217 10.73 17.62 11.84
CA ARG A 217 9.74 18.67 12.01
C ARG A 217 10.36 20.04 12.17
N SER A 218 11.60 20.12 12.66
CA SER A 218 12.35 21.35 12.78
C SER A 218 13.74 21.16 12.19
N SER A 219 14.56 22.21 12.24
CA SER A 219 15.92 22.14 11.73
C SER A 219 16.90 21.53 12.74
N SER A 220 16.44 21.19 13.94
CA SER A 220 17.29 20.47 14.87
C SER A 220 17.61 19.08 14.32
N LYS A 221 18.66 18.47 14.90
CA LYS A 221 19.17 17.18 14.45
C LYS A 221 19.59 17.18 12.99
N LYS A 222 19.91 18.35 12.44
CA LYS A 222 20.24 18.47 11.03
C LYS A 222 21.54 17.74 10.72
N GLU A 223 22.69 18.34 11.08
CA GLU A 223 23.97 17.71 10.81
C GLU A 223 24.18 16.46 11.65
N GLN A 224 23.41 16.30 12.73
CA GLN A 224 23.45 15.05 13.48
C GLN A 224 22.98 13.90 12.61
N ALA A 225 21.99 14.14 11.75
CA ALA A 225 21.55 13.14 10.77
C ALA A 225 22.48 13.07 9.57
N MET A 226 23.23 14.13 9.29
CA MET A 226 24.17 14.10 8.17
C MET A 226 25.32 13.14 8.45
N LYS A 227 25.90 13.22 9.65
CA LYS A 227 26.98 12.30 10.02
C LYS A 227 26.49 10.87 10.20
N LEU A 228 25.19 10.67 10.43
CA LEU A 228 24.67 9.32 10.60
C LEU A 228 24.61 8.58 9.27
N GLY A 229 24.13 9.25 8.21
CA GLY A 229 24.10 8.63 6.91
C GLY A 229 23.13 9.25 5.94
N ALA A 230 22.41 10.28 6.36
CA ALA A 230 21.43 10.94 5.51
C ALA A 230 22.14 11.83 4.50
N HIS A 231 21.82 11.65 3.21
CA HIS A 231 22.39 12.50 2.18
C HIS A 231 21.64 13.81 2.02
N ASP A 232 20.37 13.87 2.43
CA ASP A 232 19.56 15.07 2.33
C ASP A 232 18.80 15.28 3.63
N PHE A 233 18.37 16.51 3.86
CA PHE A 233 17.66 16.87 5.07
C PHE A 233 16.62 17.94 4.77
N VAL A 234 15.40 17.74 5.26
CA VAL A 234 14.31 18.70 5.08
C VAL A 234 13.58 18.85 6.42
N ALA A 235 13.32 20.09 6.81
CA ALA A 235 12.54 20.37 8.01
C ALA A 235 11.07 20.56 7.63
N THR A 236 10.20 19.76 8.23
CA THR A 236 8.79 19.77 7.85
C THR A 236 8.11 21.10 8.20
N GLY A 237 8.42 21.64 9.39
CA GLY A 237 7.74 22.84 9.86
C GLY A 237 8.16 24.13 9.19
N GLU A 238 9.28 24.13 8.46
CA GLU A 238 9.77 25.35 7.85
C GLU A 238 9.49 25.39 6.36
N ASP A 239 10.11 24.48 5.60
CA ASP A 239 9.89 24.40 4.15
C ASP A 239 8.50 23.81 3.90
N LYS A 240 7.49 24.69 3.97
CA LYS A 240 6.12 24.25 3.82
C LYS A 240 5.81 23.74 2.42
N THR A 241 6.63 24.08 1.43
CA THR A 241 6.43 23.68 0.04
C THR A 241 7.60 22.83 -0.46
N TRP A 242 8.15 21.99 0.42
CA TRP A 242 9.28 21.15 0.04
C TRP A 242 8.86 20.10 -0.99
N TYR A 243 7.60 19.65 -0.96
CA TYR A 243 7.16 18.57 -1.83
C TYR A 243 7.19 18.95 -3.30
N LYS A 244 7.22 20.25 -3.62
CA LYS A 244 7.28 20.67 -5.01
C LYS A 244 8.62 20.33 -5.66
N ASN A 245 9.66 20.14 -4.87
CA ASN A 245 10.99 19.85 -5.40
C ASN A 245 11.32 18.37 -5.47
N TYR A 246 10.44 17.50 -4.95
CA TYR A 246 10.69 16.06 -4.93
C TYR A 246 9.67 15.32 -5.80
N ASP A 247 9.17 15.96 -6.84
CA ASP A 247 8.19 15.33 -7.71
C ASP A 247 8.79 14.12 -8.39
N ASP A 248 8.22 12.94 -8.12
CA ASP A 248 8.63 11.68 -8.73
C ASP A 248 10.11 11.40 -8.46
N HIS A 249 10.42 11.24 -7.17
CA HIS A 249 11.81 11.07 -6.76
C HIS A 249 12.05 9.89 -5.85
N PHE A 250 11.14 9.62 -4.91
CA PHE A 250 11.38 8.62 -3.88
C PHE A 250 10.99 7.23 -4.36
N ASP A 251 11.86 6.26 -4.09
CA ASP A 251 11.56 4.86 -4.35
C ASP A 251 10.91 4.17 -3.16
N PHE A 252 11.06 4.71 -1.96
CA PHE A 252 10.53 4.10 -0.75
C PHE A 252 10.57 5.13 0.37
N ILE A 253 9.48 5.24 1.12
CA ILE A 253 9.39 6.14 2.26
C ILE A 253 9.04 5.33 3.48
N LEU A 254 9.87 5.40 4.51
CA LEU A 254 9.63 4.73 5.78
C LEU A 254 9.40 5.80 6.84
N ASN A 255 8.23 5.76 7.48
CA ASN A 255 7.87 6.71 8.52
C ASN A 255 8.14 6.10 9.89
N CYS A 256 8.90 6.81 10.72
CA CYS A 256 9.27 6.35 12.06
C CYS A 256 8.83 7.35 13.13
N ALA A 257 7.78 8.12 12.86
CA ALA A 257 7.31 9.12 13.81
C ALA A 257 6.42 8.48 14.87
N SER A 258 6.30 9.15 16.02
CA SER A 258 5.45 8.69 17.09
C SER A 258 4.01 9.14 16.97
N GLY A 259 3.74 10.21 16.22
CA GLY A 259 2.40 10.75 16.14
C GLY A 259 2.05 11.28 14.77
N ILE A 260 1.05 12.16 14.71
CA ILE A 260 0.56 12.69 13.45
C ILE A 260 0.73 14.19 13.33
N ASP A 261 1.11 14.89 14.40
CA ASP A 261 1.24 16.34 14.37
C ASP A 261 2.42 16.73 13.49
N GLY A 262 2.13 17.39 12.37
CA GLY A 262 3.16 17.74 11.41
C GLY A 262 3.44 16.69 10.37
N LEU A 263 2.52 15.75 10.16
CA LEU A 263 2.69 14.66 9.21
C LEU A 263 1.60 14.77 8.15
N ASN A 264 1.95 15.32 6.99
CA ASN A 264 1.02 15.41 5.86
C ASN A 264 1.26 14.21 4.96
N LEU A 265 0.38 13.21 5.06
CA LEU A 265 0.55 12.01 4.25
C LEU A 265 0.37 12.31 2.77
N SER A 266 -0.57 13.20 2.42
CA SER A 266 -0.77 13.56 1.03
C SER A 266 0.46 14.20 0.41
N GLU A 267 1.24 14.96 1.21
CA GLU A 267 2.45 15.56 0.69
C GLU A 267 3.56 14.53 0.51
N TYR A 268 3.66 13.55 1.39
CA TYR A 268 4.69 12.53 1.24
C TYR A 268 4.37 11.59 0.08
N LEU A 269 3.10 11.29 -0.13
CA LEU A 269 2.71 10.49 -1.28
C LEU A 269 2.90 11.24 -2.60
N SER A 270 3.00 12.57 -2.56
CA SER A 270 3.20 13.33 -3.79
C SER A 270 4.59 13.10 -4.37
N THR A 271 5.56 12.76 -3.53
CA THR A 271 6.96 12.64 -3.92
C THR A 271 7.36 11.23 -4.32
N LEU A 272 6.46 10.26 -4.18
CA LEU A 272 6.79 8.89 -4.54
C LEU A 272 6.67 8.68 -6.03
N LYS A 273 7.42 7.71 -6.54
CA LYS A 273 7.26 7.27 -7.91
C LYS A 273 6.04 6.36 -8.02
N VAL A 274 5.74 5.94 -9.25
CA VAL A 274 4.51 5.19 -9.49
C VAL A 274 4.61 3.82 -8.86
N ASP A 275 3.54 3.41 -8.17
CA ASP A 275 3.43 2.09 -7.54
C ASP A 275 4.53 1.86 -6.50
N LYS A 276 4.96 2.92 -5.83
CA LYS A 276 5.91 2.82 -4.73
C LYS A 276 5.15 2.86 -3.41
N LYS A 277 5.75 2.28 -2.38
CA LYS A 277 5.07 2.05 -1.10
C LYS A 277 5.48 3.09 -0.07
N PHE A 278 4.50 3.57 0.68
CA PHE A 278 4.71 4.39 1.87
C PHE A 278 4.43 3.48 3.06
N VAL A 279 5.49 2.93 3.66
CA VAL A 279 5.36 2.02 4.79
C VAL A 279 5.59 2.80 6.07
N SER A 280 4.69 2.63 7.03
CA SER A 280 4.75 3.32 8.31
C SER A 280 5.01 2.29 9.40
N VAL A 281 6.22 2.26 9.92
CA VAL A 281 6.48 1.47 11.12
C VAL A 281 6.12 2.25 12.39
N GLY A 282 6.07 3.57 12.32
CA GLY A 282 5.65 4.35 13.47
C GLY A 282 4.17 4.16 13.73
N LEU A 283 3.81 4.13 15.01
CA LEU A 283 2.44 3.84 15.45
C LEU A 283 1.92 4.96 16.34
N PRO A 284 1.17 5.91 15.80
CA PRO A 284 0.54 6.94 16.63
C PRO A 284 -0.56 6.35 17.49
N PRO A 285 -1.09 7.10 18.47
CA PRO A 285 -2.22 6.61 19.25
C PRO A 285 -3.40 6.25 18.36
N SER A 286 -4.19 5.27 18.80
CA SER A 286 -5.25 4.72 17.97
C SER A 286 -6.25 5.78 17.56
N GLU A 287 -6.51 6.77 18.41
CA GLU A 287 -7.42 7.85 18.05
C GLU A 287 -6.80 8.86 17.09
N ASP A 288 -5.50 8.77 16.83
CA ASP A 288 -4.81 9.65 15.90
C ASP A 288 -4.65 8.95 14.55
N LYS A 289 -5.03 9.63 13.47
CA LYS A 289 -5.02 9.02 12.15
C LYS A 289 -4.54 10.04 11.12
N PHE A 290 -3.90 9.53 10.07
CA PHE A 290 -3.50 10.37 8.95
C PHE A 290 -4.67 10.56 7.99
N GLU A 291 -4.66 11.69 7.29
CA GLU A 291 -5.74 12.06 6.36
C GLU A 291 -5.17 12.24 4.97
N VAL A 292 -5.81 11.62 3.99
CA VAL A 292 -5.39 11.72 2.60
C VAL A 292 -6.62 11.53 1.71
N SER A 293 -6.68 12.30 0.59
CA SER A 293 -7.82 12.21 -0.30
C SER A 293 -7.61 11.11 -1.34
N PRO A 294 -8.70 10.51 -1.84
CA PRO A 294 -8.56 9.48 -2.89
C PRO A 294 -7.91 10.01 -4.15
N PHE A 295 -7.91 11.33 -4.35
CA PHE A 295 -7.26 11.94 -5.50
C PHE A 295 -5.75 11.84 -5.42
N THR A 296 -5.19 11.65 -4.23
CA THR A 296 -3.75 11.52 -4.08
C THR A 296 -3.28 10.11 -4.40
N PHE A 297 -4.06 9.09 -4.01
CA PHE A 297 -3.67 7.71 -4.27
C PHE A 297 -3.65 7.40 -5.77
N LEU A 298 -4.49 8.08 -6.55
CA LEU A 298 -4.70 7.71 -7.94
C LEU A 298 -3.64 8.33 -8.84
N GLN A 299 -3.19 9.56 -8.50
CA GLN A 299 -2.19 10.24 -9.31
C GLN A 299 -0.87 9.48 -9.33
N GLN A 300 -0.44 8.96 -8.18
CA GLN A 300 0.82 8.24 -8.12
C GLN A 300 0.66 6.74 -8.19
N GLY A 301 -0.55 6.22 -7.94
CA GLY A 301 -0.70 4.79 -7.77
C GLY A 301 0.09 4.23 -6.61
N ALA A 302 0.38 5.07 -5.62
CA ALA A 302 1.22 4.68 -4.49
C ALA A 302 0.41 3.89 -3.47
N SER A 303 1.10 3.39 -2.45
CA SER A 303 0.50 2.56 -1.42
C SER A 303 0.81 3.14 -0.05
N PHE A 304 -0.07 2.85 0.90
CA PHE A 304 0.18 3.10 2.31
C PHE A 304 0.08 1.78 3.05
N GLY A 305 1.07 1.48 3.88
CA GLY A 305 1.08 0.24 4.61
C GLY A 305 1.84 0.35 5.92
N SER A 306 1.95 -0.78 6.60
CA SER A 306 2.66 -0.87 7.87
C SER A 306 3.61 -2.06 7.80
N SER A 307 4.54 -2.09 8.76
CA SER A 307 5.48 -3.19 8.91
C SER A 307 5.67 -3.46 10.39
N LEU A 308 5.51 -4.71 10.79
CA LEU A 308 5.59 -5.12 12.20
C LEU A 308 6.90 -5.85 12.43
N LEU A 309 7.83 -5.19 13.14
CA LEU A 309 9.08 -5.80 13.56
C LEU A 309 9.84 -6.41 12.39
N GLY A 310 10.39 -7.62 12.60
CA GLY A 310 11.15 -8.29 11.56
C GLY A 310 11.37 -9.74 11.91
N SER A 311 12.00 -10.44 10.99
CA SER A 311 12.28 -11.87 11.11
C SER A 311 13.50 -12.11 11.99
N LYS A 312 13.66 -13.36 12.41
CA LYS A 312 14.88 -13.76 13.11
C LYS A 312 16.06 -13.88 12.14
N THR A 313 15.80 -14.43 10.95
CA THR A 313 16.85 -14.46 9.93
C THR A 313 17.25 -13.05 9.53
N GLU A 314 16.29 -12.13 9.50
CA GLU A 314 16.64 -10.73 9.24
C GLU A 314 17.43 -10.13 10.39
N VAL A 315 17.23 -10.64 11.61
CA VAL A 315 18.02 -10.17 12.74
C VAL A 315 19.47 -10.62 12.59
N LYS A 316 19.69 -11.89 12.20
CA LYS A 316 21.05 -12.35 11.94
C LYS A 316 21.70 -11.54 10.82
N GLU A 317 20.95 -11.26 9.76
CA GLU A 317 21.48 -10.41 8.69
C GLU A 317 21.77 -9.01 9.20
N MET A 318 20.80 -8.41 9.91
CA MET A 318 20.98 -7.05 10.41
C MET A 318 22.25 -6.93 11.25
N LEU A 319 22.51 -7.91 12.11
CA LEU A 319 23.72 -7.88 12.92
C LEU A 319 24.98 -8.10 12.09
N ASN A 320 24.85 -8.70 10.91
CA ASN A 320 26.02 -8.89 10.05
C ASN A 320 26.42 -7.59 9.38
N LEU A 321 25.48 -6.93 8.71
CA LEU A 321 25.78 -5.62 8.12
C LEU A 321 26.07 -4.57 9.17
N ALA A 322 25.66 -4.78 10.42
CA ALA A 322 26.02 -3.86 11.49
C ALA A 322 27.51 -3.91 11.77
N ALA A 323 28.08 -5.11 11.85
CA ALA A 323 29.51 -5.28 12.08
C ALA A 323 30.34 -4.94 10.85
N LYS A 324 29.71 -4.72 9.70
CA LYS A 324 30.41 -4.39 8.46
C LYS A 324 30.53 -2.89 8.23
N HIS A 325 29.47 -2.13 8.48
CA HIS A 325 29.45 -0.70 8.23
C HIS A 325 29.44 0.12 9.53
N ASN A 326 29.73 -0.52 10.66
CA ASN A 326 29.73 0.13 11.97
C ASN A 326 28.38 0.81 12.26
N VAL A 327 27.31 0.04 12.09
CA VAL A 327 25.95 0.52 12.37
C VAL A 327 25.73 0.40 13.87
N ARG A 328 25.84 1.52 14.59
CA ARG A 328 25.68 1.55 16.03
C ARG A 328 24.79 2.71 16.45
N PRO A 329 23.88 2.51 17.40
CA PRO A 329 23.00 3.58 17.83
C PRO A 329 23.71 4.56 18.75
N MET A 330 23.08 5.72 18.92
CA MET A 330 23.51 6.73 19.88
C MET A 330 22.63 6.60 21.10
N ILE A 331 23.22 6.20 22.23
CA ILE A 331 22.46 5.86 23.43
C ILE A 331 22.92 6.76 24.58
N GLU A 332 22.15 6.71 25.66
CA GLU A 332 22.49 7.38 26.92
C GLU A 332 22.16 6.40 28.04
N GLU A 333 23.19 5.81 28.64
CA GLU A 333 22.98 4.78 29.64
C GLU A 333 22.40 5.39 30.91
N VAL A 334 21.37 4.74 31.47
CA VAL A 334 20.70 5.21 32.66
C VAL A 334 20.66 4.05 33.67
N PRO A 335 21.22 4.21 34.86
CA PRO A 335 21.03 3.18 35.90
C PRO A 335 19.55 3.08 36.28
N ILE A 336 18.99 1.88 36.12
CA ILE A 336 17.55 1.70 36.28
C ILE A 336 17.14 1.98 37.72
N SER A 337 16.01 2.67 37.89
CA SER A 337 15.48 2.98 39.21
C SER A 337 14.01 3.31 39.08
N GLU A 338 13.41 3.64 40.21
CA GLU A 338 12.06 4.19 40.18
C GLU A 338 12.06 5.65 39.74
N GLU A 339 13.17 6.36 39.95
CA GLU A 339 13.28 7.78 39.66
C GLU A 339 13.94 8.04 38.31
N ASN A 340 14.99 7.30 37.99
CA ASN A 340 15.65 7.43 36.70
C ASN A 340 14.74 6.99 35.57
N CYS A 341 13.88 6.00 35.82
CA CYS A 341 12.88 5.61 34.83
C CYS A 341 11.88 6.73 34.59
N ALA A 342 11.33 7.29 35.66
CA ALA A 342 10.41 8.41 35.53
C ALA A 342 11.10 9.60 34.86
N LYS A 343 12.38 9.82 35.16
CA LYS A 343 13.12 10.89 34.50
C LYS A 343 13.27 10.61 33.01
N ALA A 344 13.55 9.37 32.64
CA ALA A 344 13.65 9.02 31.23
C ALA A 344 12.30 9.03 30.54
N LEU A 345 11.25 8.63 31.25
CA LEU A 345 9.91 8.64 30.66
C LEU A 345 9.46 10.07 30.35
N ASP A 346 9.75 11.01 31.23
CA ASP A 346 9.35 12.40 31.01
C ASP A 346 10.23 13.05 29.94
N ARG A 347 11.53 12.74 29.93
CA ARG A 347 12.43 13.34 28.96
C ARG A 347 12.16 12.84 27.55
N CYS A 348 12.09 11.52 27.38
CA CYS A 348 11.87 10.94 26.06
C CYS A 348 10.53 11.39 25.48
N HIS A 349 9.51 11.54 26.33
CA HIS A 349 8.20 11.97 25.84
C HIS A 349 8.25 13.37 25.24
N ALA A 350 9.08 14.25 25.79
CA ALA A 350 9.22 15.61 25.30
C ALA A 350 10.28 15.75 24.22
N GLY A 351 10.86 14.64 23.77
CA GLY A 351 11.89 14.70 22.75
C GLY A 351 13.26 15.09 23.26
N ASP A 352 13.55 14.79 24.52
CA ASP A 352 14.81 15.18 25.14
C ASP A 352 15.77 13.99 25.20
N VAL A 353 16.07 13.44 24.02
CA VAL A 353 17.00 12.34 23.89
C VAL A 353 17.47 12.27 22.44
N ARG A 354 18.75 11.97 22.25
CA ARG A 354 19.32 11.70 20.94
C ARG A 354 20.28 10.53 21.08
N TYR A 355 19.76 9.32 20.82
CA TYR A 355 18.40 9.17 20.31
C TYR A 355 17.58 8.08 21.01
N ARG A 356 18.19 7.36 21.95
CA ARG A 356 17.47 6.27 22.61
C ARG A 356 18.06 6.00 23.99
N PHE A 357 17.19 5.98 25.01
CA PHE A 357 17.61 5.64 26.36
C PHE A 357 17.85 4.15 26.49
N VAL A 358 18.84 3.77 27.28
CA VAL A 358 19.16 2.38 27.56
C VAL A 358 19.35 2.23 29.06
N PHE A 359 18.54 1.38 29.69
CA PHE A 359 18.64 1.16 31.13
C PHE A 359 19.70 0.11 31.43
N THR A 360 20.58 0.42 32.38
CA THR A 360 21.62 -0.50 32.81
C THR A 360 21.61 -0.66 34.33
N ASP A 361 22.61 -1.37 34.86
CA ASP A 361 22.80 -1.55 36.30
C ASP A 361 21.59 -2.22 36.94
N PHE A 362 21.29 -3.43 36.44
CA PHE A 362 20.12 -4.16 36.90
C PHE A 362 20.37 -4.88 38.23
N ASP A 363 21.62 -5.16 38.57
CA ASP A 363 21.89 -5.89 39.81
C ASP A 363 21.73 -5.00 41.05
N LYS A 364 22.03 -3.71 40.93
CA LYS A 364 21.82 -2.79 42.04
C LYS A 364 20.35 -2.44 42.25
N ALA A 365 19.46 -2.87 41.35
CA ALA A 365 18.04 -2.64 41.50
C ALA A 365 17.24 -3.91 41.73
N PHE A 366 17.84 -5.08 41.54
CA PHE A 366 17.12 -6.34 41.69
C PHE A 366 17.80 -7.31 42.65
N LYS A 367 19.14 -7.39 42.61
CA LYS A 367 19.86 -8.30 43.49
C LYS A 367 20.27 -7.61 44.78
N LYS B 3 -8.57 18.84 -46.82
CA LYS B 3 -8.28 17.85 -45.79
C LYS B 3 -9.30 16.71 -45.80
N ALA B 4 -8.85 15.53 -45.41
CA ALA B 4 -9.71 14.36 -45.30
C ALA B 4 -10.41 14.25 -43.95
N VAL B 5 -10.24 15.25 -43.07
CA VAL B 5 -10.87 15.27 -41.76
C VAL B 5 -11.77 16.49 -41.70
N PRO B 6 -13.05 16.35 -41.36
CA PRO B 6 -13.93 17.53 -41.32
C PRO B 6 -13.55 18.48 -40.20
N ASP B 7 -13.86 19.75 -40.41
CA ASP B 7 -13.56 20.77 -39.41
C ASP B 7 -14.47 20.66 -38.19
N LYS B 8 -15.57 19.90 -38.31
CA LYS B 8 -16.53 19.70 -37.23
C LYS B 8 -16.83 18.22 -37.06
N PHE B 9 -16.95 17.78 -35.81
CA PHE B 9 -17.36 16.43 -35.50
C PHE B 9 -18.79 16.41 -35.01
N GLN B 10 -19.39 15.22 -35.02
CA GLN B 10 -20.75 15.01 -34.57
C GLN B 10 -20.75 13.99 -33.45
N GLY B 11 -21.43 14.32 -32.34
CA GLY B 11 -21.49 13.41 -31.20
C GLY B 11 -22.67 13.73 -30.32
N PHE B 12 -23.04 12.74 -29.50
CA PHE B 12 -24.11 12.90 -28.52
C PHE B 12 -23.51 13.48 -27.24
N ALA B 13 -23.96 14.68 -26.88
CA ALA B 13 -23.32 15.46 -25.83
C ALA B 13 -24.37 16.04 -24.90
N VAL B 14 -23.89 16.55 -23.76
CA VAL B 14 -24.71 17.30 -22.81
C VAL B 14 -23.96 18.55 -22.41
N SER B 15 -24.68 19.47 -21.76
CA SER B 15 -24.07 20.66 -21.16
C SER B 15 -24.59 20.99 -19.78
N ASP B 16 -25.76 20.50 -19.38
CA ASP B 16 -26.28 20.67 -18.03
C ASP B 16 -26.17 19.35 -17.30
N PRO B 17 -25.46 19.29 -16.16
CA PRO B 17 -25.33 18.02 -15.44
C PRO B 17 -26.66 17.43 -14.99
N LYS B 18 -27.73 18.23 -14.95
CA LYS B 18 -29.05 17.67 -14.64
C LYS B 18 -29.54 16.75 -15.76
N ASN B 19 -29.12 17.02 -16.99
CA ASN B 19 -29.46 16.19 -18.14
C ASN B 19 -28.36 15.17 -18.45
N TRP B 20 -27.80 14.56 -17.40
CA TRP B 20 -26.70 13.62 -17.58
C TRP B 20 -27.14 12.38 -18.36
N ASN B 21 -28.40 11.97 -18.21
CA ASN B 21 -28.88 10.72 -18.77
C ASN B 21 -29.56 10.88 -20.12
N ARG B 22 -29.79 12.10 -20.58
CA ARG B 22 -30.48 12.37 -21.85
C ARG B 22 -29.60 13.25 -22.72
N PRO B 23 -28.58 12.68 -23.35
CA PRO B 23 -27.74 13.48 -24.26
C PRO B 23 -28.42 13.70 -25.59
N LYS B 24 -28.08 14.82 -26.22
CA LYS B 24 -28.64 15.20 -27.50
C LYS B 24 -27.52 15.39 -28.52
N LEU B 25 -27.86 15.19 -29.79
CA LEU B 25 -26.88 15.29 -30.86
C LEU B 25 -26.41 16.73 -31.02
N ALA B 26 -25.10 16.92 -31.12
CA ALA B 26 -24.50 18.24 -31.25
C ALA B 26 -23.34 18.17 -32.23
N SER B 27 -22.99 19.33 -32.77
CA SER B 27 -21.87 19.48 -33.69
C SER B 27 -20.86 20.43 -33.08
N TYR B 28 -19.58 20.03 -33.09
CA TYR B 28 -18.52 20.81 -32.45
C TYR B 28 -17.28 20.79 -33.33
N GLU B 29 -16.49 21.86 -33.22
CA GLU B 29 -15.24 21.95 -33.96
C GLU B 29 -14.23 20.92 -33.46
N ARG B 30 -13.38 20.44 -34.37
CA ARG B 30 -12.41 19.41 -34.04
C ARG B 30 -11.28 20.00 -33.20
N LYS B 31 -10.42 19.11 -32.70
CA LYS B 31 -9.19 19.50 -32.04
C LYS B 31 -8.07 19.64 -33.07
N GLN B 32 -7.12 20.52 -32.77
CA GLN B 32 -5.98 20.68 -33.67
C GLN B 32 -5.17 19.39 -33.72
N ILE B 33 -4.62 19.10 -34.88
CA ILE B 33 -3.91 17.84 -35.14
C ILE B 33 -2.42 18.13 -35.13
N ASN B 34 -1.72 17.62 -34.13
CA ASN B 34 -0.30 17.81 -33.93
C ASN B 34 0.47 16.62 -34.48
N PRO B 35 1.77 16.78 -34.77
CA PRO B 35 2.53 15.74 -35.49
C PRO B 35 2.42 14.32 -34.93
N HIS B 36 2.07 14.19 -33.65
CA HIS B 36 1.97 12.88 -33.01
C HIS B 36 0.53 12.48 -32.75
N ASP B 37 -0.42 13.01 -33.51
CA ASP B 37 -1.83 12.76 -33.31
C ASP B 37 -2.36 11.80 -34.36
N VAL B 38 -3.39 11.03 -33.97
CA VAL B 38 -4.06 10.08 -34.84
C VAL B 38 -5.53 10.43 -34.89
N VAL B 39 -6.09 10.48 -36.10
CA VAL B 39 -7.50 10.79 -36.30
C VAL B 39 -8.23 9.52 -36.72
N LEU B 40 -9.36 9.25 -36.05
CA LEU B 40 -10.11 8.03 -36.26
C LEU B 40 -11.50 8.35 -36.79
N LYS B 41 -12.13 7.34 -37.40
CA LYS B 41 -13.56 7.36 -37.69
C LYS B 41 -14.18 6.30 -36.79
N ASN B 42 -14.84 6.74 -35.72
CA ASN B 42 -15.28 5.83 -34.68
C ASN B 42 -16.32 4.84 -35.21
N GLU B 43 -16.15 3.58 -34.86
CA GLU B 43 -17.08 2.51 -35.21
C GLU B 43 -17.88 2.00 -34.03
N VAL B 44 -17.24 1.82 -32.88
CA VAL B 44 -17.89 1.39 -31.66
C VAL B 44 -17.28 2.14 -30.48
N CYS B 45 -18.04 2.23 -29.39
CA CYS B 45 -17.56 2.85 -28.17
C CYS B 45 -18.32 2.26 -26.99
N GLY B 46 -17.62 1.51 -26.14
CA GLY B 46 -18.26 0.95 -24.97
C GLY B 46 -18.62 2.01 -23.95
N LEU B 47 -19.66 1.72 -23.17
CA LEU B 47 -20.15 2.64 -22.13
C LEU B 47 -19.42 2.33 -20.83
N CYS B 48 -18.49 3.18 -20.46
CA CYS B 48 -17.80 3.06 -19.19
C CYS B 48 -18.58 3.79 -18.10
N TYR B 49 -18.48 3.27 -16.87
CA TYR B 49 -19.26 3.87 -15.78
C TYR B 49 -18.75 5.27 -15.46
N SER B 50 -17.46 5.53 -15.66
CA SER B 50 -16.90 6.86 -15.42
C SER B 50 -17.50 7.90 -16.36
N ASP B 51 -18.15 7.47 -17.45
CA ASP B 51 -18.95 8.41 -18.23
C ASP B 51 -20.07 8.99 -17.39
N ILE B 52 -20.70 8.16 -16.55
CA ILE B 52 -21.74 8.65 -15.66
C ILE B 52 -21.16 9.50 -14.54
N HIS B 53 -19.98 9.12 -14.05
CA HIS B 53 -19.29 9.92 -13.03
C HIS B 53 -19.06 11.35 -13.53
N THR B 54 -18.64 11.50 -14.79
CA THR B 54 -18.28 12.82 -15.30
C THR B 54 -19.50 13.59 -15.79
N LEU B 55 -20.47 12.90 -16.40
CA LEU B 55 -21.64 13.59 -16.92
C LEU B 55 -22.45 14.21 -15.79
N SER B 56 -22.63 13.50 -14.68
CA SER B 56 -23.39 14.01 -13.55
C SER B 56 -22.62 15.03 -12.72
N ALA B 57 -21.33 15.21 -13.00
CA ALA B 57 -20.46 16.15 -12.27
C ALA B 57 -20.43 15.84 -10.77
N GLY B 58 -20.39 14.54 -10.44
CA GLY B 58 -20.30 14.14 -9.05
C GLY B 58 -18.94 14.36 -8.43
N TRP B 59 -17.88 14.26 -9.25
CA TRP B 59 -16.51 14.48 -8.79
C TRP B 59 -15.96 15.84 -9.19
N GLN B 60 -16.16 16.23 -10.44
CA GLN B 60 -15.71 17.52 -10.95
C GLN B 60 -16.72 18.05 -11.94
N PRO B 61 -16.91 19.37 -12.01
CA PRO B 61 -17.88 19.94 -12.95
C PRO B 61 -17.46 19.74 -14.39
N LEU B 62 -18.37 20.07 -15.30
CA LEU B 62 -18.11 19.96 -16.73
C LEU B 62 -17.24 21.13 -17.18
N GLN B 63 -16.14 20.82 -17.85
CA GLN B 63 -15.19 21.83 -18.29
C GLN B 63 -15.56 22.46 -19.63
N ARG B 64 -16.70 22.13 -20.21
CA ARG B 64 -17.08 22.67 -21.50
C ARG B 64 -18.57 22.46 -21.71
N ASP B 65 -19.10 23.14 -22.73
CA ASP B 65 -20.46 22.92 -23.20
C ASP B 65 -20.44 21.91 -24.33
N ASN B 66 -21.54 21.17 -24.47
CA ASN B 66 -21.68 20.12 -25.48
C ASN B 66 -20.52 19.13 -25.38
N LEU B 67 -20.40 18.53 -24.20
CA LEU B 67 -19.31 17.61 -23.90
C LEU B 67 -19.70 16.19 -24.28
N VAL B 68 -18.83 15.53 -25.02
CA VAL B 68 -19.02 14.14 -25.43
C VAL B 68 -18.13 13.26 -24.55
N VAL B 69 -18.74 12.27 -23.89
CA VAL B 69 -17.98 11.33 -23.06
C VAL B 69 -17.71 10.06 -23.87
N GLY B 70 -17.34 8.99 -23.16
CA GLY B 70 -17.06 7.72 -23.79
C GLY B 70 -15.60 7.58 -24.15
N HIS B 71 -14.92 6.61 -23.54
CA HIS B 71 -13.49 6.44 -23.79
C HIS B 71 -13.12 4.98 -23.99
N GLU B 72 -14.03 4.19 -24.55
CA GLU B 72 -13.72 2.82 -24.95
C GLU B 72 -13.87 2.71 -26.47
N ILE B 73 -13.05 3.50 -27.18
CA ILE B 73 -13.24 3.76 -28.61
C ILE B 73 -12.48 2.75 -29.44
N ILE B 74 -13.08 2.35 -30.57
CA ILE B 74 -12.41 1.58 -31.61
C ILE B 74 -12.86 2.15 -32.95
N GLY B 75 -11.89 2.51 -33.80
CA GLY B 75 -12.22 3.13 -35.06
C GLY B 75 -11.20 2.86 -36.15
N GLU B 76 -11.34 3.55 -37.28
CA GLU B 76 -10.46 3.38 -38.43
C GLU B 76 -9.70 4.69 -38.66
N VAL B 77 -8.38 4.58 -38.80
CA VAL B 77 -7.55 5.77 -38.96
C VAL B 77 -7.82 6.39 -40.33
N ILE B 78 -8.20 7.67 -40.32
CA ILE B 78 -8.39 8.42 -41.55
C ILE B 78 -7.27 9.42 -41.81
N ALA B 79 -6.53 9.83 -40.78
CA ALA B 79 -5.41 10.74 -40.95
C ALA B 79 -4.48 10.60 -39.75
N VAL B 80 -3.21 10.96 -39.97
CA VAL B 80 -2.19 10.90 -38.93
C VAL B 80 -1.29 12.14 -39.04
N GLY B 81 -0.62 12.44 -37.93
CA GLY B 81 0.34 13.52 -37.94
C GLY B 81 1.59 13.17 -38.72
N ASP B 82 2.36 14.21 -39.05
CA ASP B 82 3.57 14.02 -39.86
C ASP B 82 4.69 13.32 -39.10
N GLU B 83 4.51 13.04 -37.82
CA GLU B 83 5.50 12.32 -37.03
C GLU B 83 5.00 10.98 -36.51
N VAL B 84 3.79 10.57 -36.89
CA VAL B 84 3.26 9.28 -36.48
C VAL B 84 3.88 8.19 -37.34
N THR B 85 4.41 7.15 -36.69
CA THR B 85 5.06 6.06 -37.39
C THR B 85 4.47 4.69 -37.11
N GLU B 86 3.59 4.56 -36.12
CA GLU B 86 3.04 3.26 -35.75
C GLU B 86 1.72 2.95 -36.44
N PHE B 87 1.08 3.94 -37.06
CA PHE B 87 -0.22 3.73 -37.69
C PHE B 87 -0.29 4.47 -39.01
N LYS B 88 -1.03 3.89 -39.95
CA LYS B 88 -1.28 4.50 -41.25
C LYS B 88 -2.79 4.55 -41.49
N VAL B 89 -3.17 5.28 -42.54
CA VAL B 89 -4.59 5.42 -42.85
C VAL B 89 -5.18 4.06 -43.21
N GLY B 90 -6.33 3.74 -42.61
CA GLY B 90 -6.98 2.47 -42.80
C GLY B 90 -6.77 1.49 -41.67
N ASP B 91 -5.82 1.74 -40.77
CA ASP B 91 -5.57 0.86 -39.64
C ASP B 91 -6.75 0.88 -38.68
N ARG B 92 -7.07 -0.29 -38.12
CA ARG B 92 -8.13 -0.43 -37.13
C ARG B 92 -7.49 -0.38 -35.75
N VAL B 93 -7.77 0.70 -35.01
CA VAL B 93 -7.11 0.97 -33.74
C VAL B 93 -8.16 1.33 -32.69
N GLY B 94 -7.71 1.51 -31.45
CA GLY B 94 -8.59 1.85 -30.36
C GLY B 94 -7.98 2.92 -29.47
N ILE B 95 -8.86 3.66 -28.79
CA ILE B 95 -8.46 4.74 -27.89
C ILE B 95 -9.04 4.46 -26.52
N GLY B 96 -8.22 4.64 -25.48
CA GLY B 96 -8.64 4.42 -24.11
C GLY B 96 -9.20 5.65 -23.43
N ALA B 97 -8.93 5.79 -22.12
CA ALA B 97 -9.46 6.89 -21.33
C ALA B 97 -8.50 8.08 -21.23
N ALA B 98 -7.28 7.94 -21.74
CA ALA B 98 -6.34 9.04 -21.86
C ALA B 98 -5.96 9.21 -23.32
N SER B 99 -5.58 10.43 -23.68
CA SER B 99 -5.26 10.72 -25.08
C SER B 99 -3.97 11.52 -25.27
N SER B 100 -3.52 12.32 -24.31
CA SER B 100 -2.32 13.13 -24.48
C SER B 100 -1.39 12.92 -23.29
N SER B 101 -0.12 13.27 -23.48
CA SER B 101 0.90 13.10 -22.47
C SER B 101 2.00 14.12 -22.67
N CYS B 102 2.98 14.11 -21.76
CA CYS B 102 4.05 15.11 -21.78
C CYS B 102 5.04 14.85 -22.90
N ARG B 103 5.35 13.59 -23.15
CA ARG B 103 6.35 13.13 -24.12
C ARG B 103 7.75 13.64 -23.80
N SER B 104 7.97 14.14 -22.59
CA SER B 104 9.29 14.64 -22.21
C SER B 104 9.59 14.48 -20.73
N CYS B 105 8.69 13.90 -19.94
CA CYS B 105 8.90 13.72 -18.50
C CYS B 105 9.76 12.49 -18.24
N GLN B 106 9.48 11.81 -17.12
CA GLN B 106 10.06 10.50 -16.85
C GLN B 106 9.03 9.38 -16.89
N ARG B 107 7.75 9.70 -16.64
CA ARG B 107 6.70 8.69 -16.74
C ARG B 107 6.53 8.21 -18.17
N CYS B 108 6.58 9.13 -19.13
CA CYS B 108 6.39 8.76 -20.53
C CYS B 108 7.51 7.87 -21.03
N ASP B 109 8.73 8.05 -20.52
CA ASP B 109 9.87 7.25 -20.96
C ASP B 109 9.99 5.93 -20.22
N SER B 110 9.30 5.77 -19.08
CA SER B 110 9.44 4.58 -18.25
C SER B 110 8.13 3.80 -18.17
N ASP B 111 7.34 3.81 -19.25
CA ASP B 111 6.12 3.02 -19.35
C ASP B 111 5.11 3.41 -18.27
N ASN B 112 4.84 4.71 -18.15
CA ASN B 112 3.88 5.21 -17.17
C ASN B 112 3.24 6.50 -17.67
N GLU B 113 3.02 6.59 -18.99
CA GLU B 113 2.47 7.80 -19.58
C GLU B 113 1.06 8.11 -19.08
N GLN B 114 0.31 7.09 -18.63
CA GLN B 114 -1.02 7.34 -18.11
C GLN B 114 -1.01 8.03 -16.75
N TYR B 115 0.14 8.09 -16.08
CA TYR B 115 0.28 8.73 -14.79
C TYR B 115 0.97 10.09 -14.89
N CYS B 116 1.14 10.61 -16.10
CA CYS B 116 1.84 11.87 -16.30
C CYS B 116 1.00 13.04 -15.78
N LYS B 117 1.62 13.91 -14.98
CA LYS B 117 0.89 15.00 -14.33
C LYS B 117 0.38 16.02 -15.34
N GLN B 118 1.05 16.14 -16.49
CA GLN B 118 0.63 17.05 -17.54
C GLN B 118 -0.18 16.36 -18.63
N GLY B 119 -0.75 15.19 -18.34
CA GLY B 119 -1.52 14.47 -19.32
C GLY B 119 -2.95 14.98 -19.45
N ALA B 120 -3.61 14.54 -20.51
CA ALA B 120 -4.99 14.90 -20.77
C ALA B 120 -5.83 13.64 -20.96
N ALA B 121 -7.06 13.68 -20.45
CA ALA B 121 -7.99 12.57 -20.57
C ALA B 121 -8.71 12.60 -21.91
N THR B 122 -9.44 11.52 -22.21
CA THR B 122 -10.13 11.43 -23.49
C THR B 122 -11.32 12.38 -23.57
N TYR B 123 -11.96 12.68 -22.44
CA TYR B 123 -13.03 13.66 -22.41
C TYR B 123 -12.93 14.50 -21.14
N ASN B 124 -13.43 15.74 -21.22
CA ASN B 124 -13.50 16.66 -20.09
C ASN B 124 -12.10 16.97 -19.54
N SER B 125 -11.17 17.25 -20.44
CA SER B 125 -9.79 17.52 -20.04
C SER B 125 -9.20 18.56 -20.97
N LYS B 126 -8.50 19.54 -20.39
CA LYS B 126 -7.87 20.61 -21.14
C LYS B 126 -6.46 20.19 -21.52
N ASP B 127 -6.24 19.93 -22.81
CA ASP B 127 -4.93 19.53 -23.31
C ASP B 127 -4.15 20.78 -23.69
N VAL B 128 -3.23 21.19 -22.81
CA VAL B 128 -2.48 22.42 -23.03
C VAL B 128 -1.65 22.36 -24.31
N ARG B 129 -1.32 21.17 -24.80
CA ARG B 129 -0.57 21.03 -26.04
C ARG B 129 -1.42 21.34 -27.27
N SER B 130 -2.74 21.29 -27.15
CA SER B 130 -3.65 21.48 -28.28
C SER B 130 -4.62 22.61 -27.95
N ASN B 131 -4.10 23.84 -27.89
CA ASN B 131 -4.92 25.04 -27.75
C ASN B 131 -5.79 25.00 -26.49
N ASN B 132 -5.35 24.23 -25.49
CA ASN B 132 -6.12 23.97 -24.28
C ASN B 132 -7.55 23.56 -24.63
N TYR B 133 -7.66 22.58 -25.53
CA TYR B 133 -8.95 22.09 -25.99
C TYR B 133 -9.51 21.10 -24.98
N VAL B 134 -10.76 21.33 -24.56
CA VAL B 134 -11.44 20.37 -23.69
C VAL B 134 -11.77 19.15 -24.54
N THR B 135 -11.14 18.02 -24.22
CA THR B 135 -11.21 16.85 -25.08
C THR B 135 -12.63 16.32 -25.19
N GLN B 136 -12.92 15.67 -26.32
CA GLN B 136 -14.24 15.12 -26.60
C GLN B 136 -14.14 13.61 -26.74
N GLY B 137 -15.11 12.90 -26.15
CA GLY B 137 -15.05 11.46 -26.01
C GLY B 137 -15.40 10.69 -27.25
N GLY B 138 -15.86 9.45 -27.05
CA GLY B 138 -16.11 8.51 -28.12
C GLY B 138 -17.55 8.28 -28.53
N TYR B 139 -18.52 8.97 -27.92
CA TYR B 139 -19.89 8.95 -28.43
C TYR B 139 -20.02 9.80 -29.70
N SER B 140 -18.96 9.86 -30.50
CA SER B 140 -18.76 10.84 -31.56
C SER B 140 -18.70 10.14 -32.92
N SER B 141 -18.57 10.95 -33.96
CA SER B 141 -18.26 10.41 -35.28
C SER B 141 -16.77 10.14 -35.44
N HIS B 142 -15.93 10.94 -34.78
CA HIS B 142 -14.49 10.85 -34.91
C HIS B 142 -13.83 11.21 -33.58
N SER B 143 -12.64 10.67 -33.35
CA SER B 143 -11.87 10.95 -32.14
C SER B 143 -10.41 11.15 -32.51
N ILE B 144 -9.72 12.00 -31.75
CA ILE B 144 -8.30 12.30 -31.97
C ILE B 144 -7.53 12.01 -30.69
N ALA B 145 -6.32 11.48 -30.83
CA ALA B 145 -5.50 11.17 -29.67
C ALA B 145 -4.04 11.10 -30.10
N ASP B 146 -3.15 11.15 -29.10
CA ASP B 146 -1.73 11.01 -29.35
C ASP B 146 -1.41 9.55 -29.72
N GLU B 147 -0.23 9.36 -30.32
CA GLU B 147 0.16 8.04 -30.80
C GLU B 147 0.32 7.04 -29.66
N LYS B 148 0.79 7.47 -28.49
CA LYS B 148 1.04 6.52 -27.41
C LYS B 148 -0.21 6.14 -26.65
N PHE B 149 -1.37 6.71 -26.99
CA PHE B 149 -2.65 6.31 -26.44
C PHE B 149 -3.55 5.70 -27.51
N VAL B 150 -3.04 5.53 -28.71
CA VAL B 150 -3.71 4.79 -29.78
C VAL B 150 -3.13 3.39 -29.79
N PHE B 151 -4.00 2.39 -29.73
CA PHE B 151 -3.58 0.99 -29.62
C PHE B 151 -4.04 0.21 -30.84
N ALA B 152 -3.12 -0.52 -31.45
CA ALA B 152 -3.44 -1.31 -32.63
C ALA B 152 -4.33 -2.50 -32.25
N ILE B 153 -5.43 -2.66 -32.98
CA ILE B 153 -6.36 -3.75 -32.74
C ILE B 153 -5.97 -4.95 -33.62
N PRO B 154 -5.79 -6.13 -33.04
CA PRO B 154 -5.57 -7.32 -33.88
C PRO B 154 -6.82 -7.65 -34.67
N GLU B 155 -6.60 -8.24 -35.85
CA GLU B 155 -7.70 -8.53 -36.76
C GLU B 155 -8.60 -9.64 -36.26
N ASP B 156 -8.09 -10.54 -35.40
CA ASP B 156 -8.93 -11.60 -34.87
C ASP B 156 -9.90 -11.08 -33.81
N LEU B 157 -9.59 -9.97 -33.15
CA LEU B 157 -10.45 -9.42 -32.11
C LEU B 157 -11.47 -8.48 -32.74
N PRO B 158 -12.76 -8.82 -32.73
CA PRO B 158 -13.76 -7.94 -33.34
C PRO B 158 -13.83 -6.59 -32.65
N SER B 159 -14.39 -5.62 -33.39
CA SER B 159 -14.48 -4.25 -32.89
C SER B 159 -15.37 -4.16 -31.65
N SER B 160 -16.60 -4.66 -31.76
CA SER B 160 -17.58 -4.51 -30.69
C SER B 160 -17.18 -5.23 -29.42
N TYR B 161 -16.28 -6.21 -29.49
CA TYR B 161 -15.84 -6.92 -28.29
C TYR B 161 -14.51 -6.44 -27.75
N GLY B 162 -13.69 -5.78 -28.56
CA GLY B 162 -12.46 -5.20 -28.07
C GLY B 162 -12.59 -3.82 -27.48
N ALA B 163 -13.75 -3.17 -27.66
CA ALA B 163 -13.92 -1.82 -27.14
C ALA B 163 -13.92 -1.78 -25.62
N PRO B 164 -14.65 -2.66 -24.90
CA PRO B 164 -14.58 -2.62 -23.44
C PRO B 164 -13.19 -2.89 -22.88
N LEU B 165 -12.29 -3.50 -23.66
CA LEU B 165 -10.92 -3.71 -23.20
C LEU B 165 -10.10 -2.42 -23.24
N MET B 166 -10.54 -1.41 -23.98
CA MET B 166 -9.77 -0.17 -24.10
C MET B 166 -9.71 0.61 -22.79
N CYS B 167 -10.59 0.31 -21.84
CA CYS B 167 -10.56 0.99 -20.56
C CYS B 167 -10.81 -0.01 -19.43
N ALA B 168 -12.00 -0.63 -19.43
CA ALA B 168 -12.34 -1.57 -18.38
C ALA B 168 -11.33 -2.70 -18.31
N GLY B 169 -10.93 -3.24 -19.47
CA GLY B 169 -9.97 -4.33 -19.49
C GLY B 169 -8.61 -3.92 -18.96
N ILE B 170 -8.06 -2.83 -19.49
CA ILE B 170 -6.75 -2.38 -19.06
C ILE B 170 -6.77 -1.86 -17.62
N THR B 171 -7.92 -1.42 -17.12
CA THR B 171 -7.98 -0.89 -15.76
C THR B 171 -7.79 -2.00 -14.72
N VAL B 172 -8.16 -3.24 -15.05
CA VAL B 172 -8.04 -4.35 -14.13
C VAL B 172 -6.83 -5.20 -14.47
N PHE B 173 -6.40 -5.16 -15.73
CA PHE B 173 -5.23 -5.93 -16.12
C PHE B 173 -3.95 -5.29 -15.61
N SER B 174 -3.90 -3.95 -15.61
CA SER B 174 -2.69 -3.26 -15.17
C SER B 174 -2.32 -3.59 -13.73
N PRO B 175 -3.22 -3.54 -12.74
CA PRO B 175 -2.81 -3.91 -11.38
C PRO B 175 -2.57 -5.40 -11.22
N LEU B 176 -3.19 -6.24 -12.04
CA LEU B 176 -2.96 -7.68 -11.95
C LEU B 176 -1.54 -8.04 -12.35
N ILE B 177 -1.10 -7.57 -13.52
CA ILE B 177 0.24 -7.91 -14.00
C ILE B 177 1.31 -7.27 -13.11
N ARG B 178 1.03 -6.08 -12.57
CA ARG B 178 2.02 -5.39 -11.75
C ARG B 178 2.16 -6.01 -10.37
N ASN B 179 1.08 -6.56 -9.82
CA ASN B 179 1.09 -7.12 -8.47
C ASN B 179 1.17 -8.64 -8.45
N LEU B 180 0.80 -9.31 -9.54
CA LEU B 180 0.83 -10.77 -9.59
C LEU B 180 1.79 -11.32 -10.64
N GLY B 181 2.29 -10.50 -11.56
CA GLY B 181 3.11 -11.00 -12.64
C GLY B 181 2.27 -11.68 -13.71
N LEU B 182 2.76 -11.67 -14.95
CA LEU B 182 1.97 -12.24 -16.04
C LEU B 182 1.68 -13.72 -15.82
N ASP B 183 2.59 -14.44 -15.18
CA ASP B 183 2.38 -15.83 -14.80
C ASP B 183 1.99 -15.85 -13.32
N ALA B 184 0.69 -15.85 -13.07
CA ALA B 184 0.14 -15.79 -11.72
C ALA B 184 -0.22 -17.17 -11.19
N ARG B 185 0.29 -18.24 -11.80
CA ARG B 185 -0.02 -19.58 -11.32
C ARG B 185 0.55 -19.79 -9.92
N GLY B 186 -0.22 -20.49 -9.09
CA GLY B 186 0.16 -20.69 -7.71
C GLY B 186 -0.14 -19.53 -6.79
N LYS B 187 -0.64 -18.41 -7.33
CA LYS B 187 -0.98 -17.24 -6.53
C LYS B 187 -2.49 -17.12 -6.41
N ASN B 188 -2.95 -16.77 -5.21
CA ASN B 188 -4.37 -16.55 -4.96
C ASN B 188 -4.70 -15.08 -5.15
N VAL B 189 -5.71 -14.80 -5.96
CA VAL B 189 -6.14 -13.43 -6.23
C VAL B 189 -7.60 -13.26 -5.83
N GLY B 190 -7.96 -12.03 -5.47
CA GLY B 190 -9.33 -11.70 -5.11
C GLY B 190 -9.92 -10.55 -5.89
N ILE B 191 -11.16 -10.71 -6.36
CA ILE B 191 -11.86 -9.69 -7.13
C ILE B 191 -13.15 -9.35 -6.40
N ILE B 192 -13.32 -8.07 -6.06
CA ILE B 192 -14.49 -7.58 -5.33
C ILE B 192 -15.40 -6.87 -6.31
N GLY B 193 -16.68 -7.24 -6.29
CA GLY B 193 -17.67 -6.64 -7.17
C GLY B 193 -17.61 -7.19 -8.58
N ILE B 194 -18.71 -7.75 -9.06
CA ILE B 194 -18.74 -8.36 -10.38
C ILE B 194 -19.58 -7.50 -11.32
N GLY B 195 -19.02 -6.38 -11.75
CA GLY B 195 -19.69 -5.52 -12.72
C GLY B 195 -18.97 -5.55 -14.05
N GLY B 196 -18.94 -4.42 -14.75
CA GLY B 196 -18.20 -4.35 -16.00
C GLY B 196 -16.71 -4.51 -15.79
N LEU B 197 -16.20 -4.06 -14.65
CA LEU B 197 -14.78 -4.25 -14.35
C LEU B 197 -14.52 -5.62 -13.77
N GLY B 198 -15.37 -6.08 -12.84
CA GLY B 198 -15.12 -7.34 -12.18
C GLY B 198 -15.27 -8.53 -13.10
N HIS B 199 -16.25 -8.48 -14.02
CA HIS B 199 -16.47 -9.60 -14.93
C HIS B 199 -15.28 -9.79 -15.87
N LEU B 200 -14.55 -8.72 -16.17
CA LEU B 200 -13.36 -8.85 -16.98
C LEU B 200 -12.15 -9.28 -16.15
N ALA B 201 -12.07 -8.81 -14.89
CA ALA B 201 -10.94 -9.17 -14.04
C ALA B 201 -10.91 -10.66 -13.74
N LEU B 202 -12.08 -11.29 -13.60
CA LEU B 202 -12.12 -12.72 -13.33
C LEU B 202 -11.51 -13.52 -14.47
N GLN B 203 -11.82 -13.14 -15.72
CA GLN B 203 -11.30 -13.89 -16.86
C GLN B 203 -9.79 -13.67 -17.02
N PHE B 204 -9.32 -12.43 -16.86
CA PHE B 204 -7.90 -12.16 -16.99
C PHE B 204 -7.10 -12.85 -15.90
N ALA B 205 -7.56 -12.76 -14.65
CA ALA B 205 -6.88 -13.43 -13.55
C ALA B 205 -6.89 -14.95 -13.75
N ASN B 206 -8.00 -15.50 -14.23
CA ASN B 206 -8.07 -16.93 -14.49
C ASN B 206 -7.12 -17.31 -15.63
N ALA B 207 -7.08 -16.51 -16.69
CA ALA B 207 -6.18 -16.79 -17.80
C ALA B 207 -4.72 -16.71 -17.38
N MET B 208 -4.40 -15.84 -16.42
CA MET B 208 -3.03 -15.75 -15.92
C MET B 208 -2.68 -16.89 -14.98
N GLY B 209 -3.64 -17.75 -14.64
CA GLY B 209 -3.36 -18.94 -13.86
C GLY B 209 -3.56 -18.79 -12.36
N ALA B 210 -4.08 -17.66 -11.90
CA ALA B 210 -4.28 -17.47 -10.47
C ALA B 210 -5.53 -18.19 -10.01
N ASN B 211 -5.56 -18.51 -8.72
CA ASN B 211 -6.74 -19.08 -8.09
C ASN B 211 -7.68 -17.93 -7.74
N VAL B 212 -8.76 -17.79 -8.51
CA VAL B 212 -9.61 -16.60 -8.45
C VAL B 212 -10.74 -16.82 -7.45
N THR B 213 -11.00 -15.81 -6.64
CA THR B 213 -12.13 -15.78 -5.72
C THR B 213 -12.96 -14.54 -5.99
N ALA B 214 -14.21 -14.74 -6.40
CA ALA B 214 -15.13 -13.64 -6.68
C ALA B 214 -15.84 -13.23 -5.40
N PHE B 215 -15.94 -11.92 -5.20
CA PHE B 215 -16.50 -11.36 -3.97
C PHE B 215 -17.70 -10.49 -4.31
N SER B 216 -18.78 -10.66 -3.56
CA SER B 216 -19.95 -9.78 -3.66
C SER B 216 -20.75 -9.93 -2.37
N ARG B 217 -21.76 -9.08 -2.22
CA ARG B 217 -22.62 -9.15 -1.05
C ARG B 217 -23.56 -10.35 -1.14
N SER B 218 -24.25 -10.49 -2.26
CA SER B 218 -25.15 -11.62 -2.44
C SER B 218 -24.51 -12.70 -3.29
N SER B 219 -25.25 -13.80 -3.45
CA SER B 219 -24.89 -14.87 -4.37
C SER B 219 -25.65 -14.77 -5.68
N SER B 220 -26.12 -13.58 -6.04
CA SER B 220 -26.86 -13.42 -7.29
C SER B 220 -25.96 -13.63 -8.50
N LYS B 221 -24.67 -13.37 -8.37
CA LYS B 221 -23.72 -13.49 -9.48
C LYS B 221 -22.74 -14.64 -9.27
N LYS B 222 -23.07 -15.58 -8.39
CA LYS B 222 -22.17 -16.71 -8.17
C LYS B 222 -22.07 -17.60 -9.42
N GLU B 223 -23.22 -18.02 -9.95
CA GLU B 223 -23.22 -18.89 -11.12
C GLU B 223 -22.52 -18.23 -12.30
N GLN B 224 -22.74 -16.93 -12.49
CA GLN B 224 -22.13 -16.24 -13.63
C GLN B 224 -20.65 -15.96 -13.41
N ALA B 225 -20.22 -15.77 -12.16
CA ALA B 225 -18.81 -15.53 -11.91
C ALA B 225 -17.99 -16.82 -12.05
N MET B 226 -18.57 -17.97 -11.68
CA MET B 226 -17.89 -19.23 -11.91
C MET B 226 -17.69 -19.49 -13.40
N LYS B 227 -18.64 -19.07 -14.24
CA LYS B 227 -18.44 -19.17 -15.68
C LYS B 227 -17.38 -18.20 -16.16
N LEU B 228 -17.20 -17.08 -15.46
CA LEU B 228 -16.25 -16.06 -15.89
C LEU B 228 -14.82 -16.36 -15.45
N GLY B 229 -14.60 -17.43 -14.70
CA GLY B 229 -13.25 -17.82 -14.33
C GLY B 229 -12.98 -17.88 -12.84
N ALA B 230 -13.96 -17.58 -11.99
CA ALA B 230 -13.75 -17.69 -10.55
C ALA B 230 -13.75 -19.16 -10.13
N HIS B 231 -12.85 -19.50 -9.21
CA HIS B 231 -12.74 -20.87 -8.73
C HIS B 231 -13.54 -21.11 -7.44
N ASP B 232 -13.90 -20.05 -6.72
CA ASP B 232 -14.83 -20.13 -5.61
C ASP B 232 -15.50 -18.78 -5.45
N PHE B 233 -16.49 -18.72 -4.56
CA PHE B 233 -17.29 -17.52 -4.40
C PHE B 233 -17.49 -17.23 -2.92
N VAL B 234 -17.64 -15.95 -2.60
CA VAL B 234 -17.89 -15.51 -1.23
C VAL B 234 -18.97 -14.44 -1.26
N ALA B 235 -20.06 -14.67 -0.54
CA ALA B 235 -21.15 -13.70 -0.40
C ALA B 235 -20.94 -12.97 0.92
N THR B 236 -20.30 -11.80 0.85
CA THR B 236 -19.93 -11.06 2.05
C THR B 236 -21.13 -10.59 2.86
N GLY B 237 -22.33 -10.62 2.29
CA GLY B 237 -23.53 -10.27 3.04
C GLY B 237 -24.18 -11.48 3.67
N GLU B 238 -23.98 -12.65 3.06
CA GLU B 238 -24.57 -13.89 3.59
C GLU B 238 -23.64 -14.60 4.56
N ASP B 239 -22.34 -14.61 4.27
CA ASP B 239 -21.33 -15.19 5.15
C ASP B 239 -20.54 -14.03 5.76
N LYS B 240 -21.04 -13.51 6.88
CA LYS B 240 -20.44 -12.33 7.48
C LYS B 240 -19.09 -12.62 8.11
N THR B 241 -18.86 -13.87 8.51
CA THR B 241 -17.56 -14.26 9.06
C THR B 241 -16.80 -15.14 8.06
N TRP B 242 -16.77 -14.71 6.80
CA TRP B 242 -16.14 -15.51 5.75
C TRP B 242 -14.62 -15.51 5.88
N TYR B 243 -14.05 -14.45 6.46
CA TYR B 243 -12.59 -14.33 6.56
C TYR B 243 -11.98 -15.40 7.44
N LYS B 244 -12.78 -16.14 8.22
CA LYS B 244 -12.22 -17.18 9.07
C LYS B 244 -11.66 -18.33 8.24
N ASN B 245 -12.26 -18.63 7.10
CA ASN B 245 -11.81 -19.73 6.24
C ASN B 245 -10.80 -19.27 5.19
N TYR B 246 -10.31 -18.04 5.27
CA TYR B 246 -9.37 -17.51 4.29
C TYR B 246 -8.15 -16.88 4.95
N ASP B 247 -7.73 -17.44 6.08
CA ASP B 247 -6.57 -16.91 6.78
C ASP B 247 -5.29 -17.20 5.99
N ASP B 248 -4.52 -16.14 5.72
CA ASP B 248 -3.24 -16.23 5.01
C ASP B 248 -3.41 -16.95 3.67
N HIS B 249 -4.08 -16.25 2.75
CA HIS B 249 -4.51 -16.87 1.50
C HIS B 249 -4.15 -16.02 0.29
N PHE B 250 -4.65 -14.79 0.24
CA PHE B 250 -4.59 -14.00 -0.97
C PHE B 250 -3.21 -13.38 -1.18
N ASP B 251 -2.65 -13.61 -2.38
CA ASP B 251 -1.44 -12.93 -2.81
C ASP B 251 -1.70 -11.52 -3.31
N PHE B 252 -2.95 -11.18 -3.56
CA PHE B 252 -3.37 -9.87 -4.07
C PHE B 252 -4.88 -9.83 -4.06
N ILE B 253 -5.42 -8.63 -3.87
CA ILE B 253 -6.85 -8.42 -3.90
C ILE B 253 -7.14 -7.18 -4.74
N LEU B 254 -8.04 -7.30 -5.70
CA LEU B 254 -8.42 -6.20 -6.57
C LEU B 254 -9.87 -5.83 -6.29
N ASN B 255 -10.08 -4.63 -5.78
CA ASN B 255 -11.41 -4.08 -5.57
C ASN B 255 -11.83 -3.34 -6.83
N CYS B 256 -12.81 -3.89 -7.55
CA CYS B 256 -13.23 -3.35 -8.84
C CYS B 256 -14.46 -2.47 -8.63
N ALA B 257 -14.20 -1.22 -8.26
CA ALA B 257 -15.20 -0.16 -8.17
C ALA B 257 -16.34 -0.50 -7.20
N SER B 258 -16.10 -1.42 -6.27
CA SER B 258 -17.12 -1.73 -5.29
C SER B 258 -17.21 -0.61 -4.25
N GLY B 259 -18.39 -0.49 -3.63
CA GLY B 259 -18.68 0.60 -2.71
C GLY B 259 -17.66 0.81 -1.62
N ILE B 260 -16.98 1.95 -1.65
CA ILE B 260 -16.02 2.32 -0.61
C ILE B 260 -16.75 3.10 0.47
N ASP B 261 -18.03 2.77 0.66
CA ASP B 261 -18.82 3.31 1.75
C ASP B 261 -19.29 2.21 2.71
N GLY B 262 -19.83 1.12 2.18
CA GLY B 262 -20.20 -0.03 2.99
C GLY B 262 -19.13 -1.09 3.09
N LEU B 263 -17.88 -0.75 2.74
CA LEU B 263 -16.80 -1.73 2.70
C LEU B 263 -16.28 -2.01 4.09
N ASN B 264 -15.63 -3.18 4.26
CA ASN B 264 -15.01 -3.54 5.55
C ASN B 264 -13.58 -3.98 5.23
N LEU B 265 -12.68 -3.01 5.19
CA LEU B 265 -11.30 -3.28 4.82
C LEU B 265 -10.64 -4.22 5.83
N SER B 266 -11.08 -4.17 7.10
CA SER B 266 -10.48 -5.03 8.11
C SER B 266 -10.67 -6.50 7.77
N GLU B 267 -11.80 -6.85 7.18
CA GLU B 267 -12.08 -8.24 6.83
C GLU B 267 -11.26 -8.71 5.64
N TYR B 268 -11.15 -7.86 4.60
CA TYR B 268 -10.37 -8.25 3.43
C TYR B 268 -8.88 -8.28 3.74
N LEU B 269 -8.39 -7.35 4.57
CA LEU B 269 -6.98 -7.34 4.92
C LEU B 269 -6.60 -8.53 5.81
N SER B 270 -7.56 -9.04 6.58
CA SER B 270 -7.30 -10.19 7.46
C SER B 270 -7.11 -11.49 6.69
N THR B 271 -7.22 -11.46 5.37
CA THR B 271 -7.04 -12.64 4.53
C THR B 271 -5.84 -12.54 3.61
N LEU B 272 -5.08 -11.46 3.70
CA LEU B 272 -3.91 -11.27 2.85
C LEU B 272 -2.70 -12.00 3.41
N LYS B 273 -1.75 -12.29 2.52
CA LYS B 273 -0.45 -12.77 2.95
C LYS B 273 0.40 -11.60 3.43
N VAL B 274 1.62 -11.88 3.88
CA VAL B 274 2.50 -10.84 4.36
C VAL B 274 3.00 -10.01 3.19
N ASP B 275 3.09 -8.69 3.40
CA ASP B 275 3.64 -7.75 2.42
C ASP B 275 2.84 -7.76 1.11
N LYS B 276 1.52 -7.85 1.23
CA LYS B 276 0.62 -7.83 0.09
C LYS B 276 -0.09 -6.48 0.02
N LYS B 277 -0.89 -6.30 -1.03
CA LYS B 277 -1.51 -5.01 -1.30
C LYS B 277 -2.99 -5.16 -1.59
N PHE B 278 -3.74 -4.10 -1.29
CA PHE B 278 -5.16 -3.99 -1.61
C PHE B 278 -5.30 -2.80 -2.55
N VAL B 279 -5.65 -3.07 -3.81
CA VAL B 279 -5.72 -2.05 -4.84
C VAL B 279 -7.18 -1.84 -5.21
N SER B 280 -7.59 -0.58 -5.30
CA SER B 280 -8.94 -0.21 -5.72
C SER B 280 -8.87 0.48 -7.08
N VAL B 281 -9.74 0.05 -8.00
CA VAL B 281 -9.82 0.64 -9.33
C VAL B 281 -11.26 1.05 -9.60
N GLY B 282 -11.41 1.99 -10.53
CA GLY B 282 -12.74 2.45 -10.91
C GLY B 282 -13.46 3.27 -9.87
N LEU B 283 -12.76 3.71 -8.82
CA LEU B 283 -13.37 4.57 -7.82
C LEU B 283 -13.52 5.99 -8.37
N PRO B 284 -14.55 6.71 -7.96
CA PRO B 284 -14.73 8.09 -8.42
C PRO B 284 -13.63 8.99 -7.85
N PRO B 285 -13.09 9.89 -8.66
CA PRO B 285 -12.01 10.79 -8.18
C PRO B 285 -12.52 12.01 -7.42
N SER B 286 -12.91 11.77 -6.16
CA SER B 286 -13.32 12.83 -5.26
C SER B 286 -12.18 13.18 -4.30
N GLU B 287 -12.23 14.39 -3.76
CA GLU B 287 -11.11 14.97 -3.04
C GLU B 287 -11.33 15.09 -1.53
N ASP B 288 -12.42 14.55 -0.99
CA ASP B 288 -12.65 14.59 0.44
C ASP B 288 -11.77 13.54 1.12
N LYS B 289 -10.89 13.99 2.01
CA LYS B 289 -9.93 13.11 2.64
C LYS B 289 -10.61 12.19 3.66
N PHE B 290 -10.18 10.93 3.67
CA PHE B 290 -10.62 9.94 4.65
C PHE B 290 -9.50 9.66 5.63
N GLU B 291 -9.87 9.08 6.76
CA GLU B 291 -8.91 8.79 7.83
C GLU B 291 -8.20 7.47 7.57
N VAL B 292 -6.91 7.43 7.88
CA VAL B 292 -6.06 6.26 7.65
C VAL B 292 -5.26 6.00 8.91
N SER B 293 -5.23 4.74 9.36
CA SER B 293 -4.46 4.35 10.53
C SER B 293 -3.50 3.23 10.19
N PRO B 294 -2.27 3.28 10.71
CA PRO B 294 -1.32 2.19 10.43
C PRO B 294 -1.68 0.88 11.11
N PHE B 295 -2.48 0.91 12.18
CA PHE B 295 -2.87 -0.34 12.83
C PHE B 295 -3.76 -1.20 11.96
N THR B 296 -4.39 -0.62 10.93
CA THR B 296 -5.24 -1.41 10.04
C THR B 296 -4.43 -2.39 9.21
N PHE B 297 -3.18 -2.07 8.91
CA PHE B 297 -2.33 -2.91 8.08
C PHE B 297 -1.19 -3.55 8.87
N LEU B 298 -1.21 -3.44 10.20
CA LEU B 298 -0.05 -3.83 11.00
C LEU B 298 0.14 -5.35 11.02
N GLN B 299 -0.90 -6.09 11.40
CA GLN B 299 -0.72 -7.52 11.65
C GLN B 299 -0.55 -8.33 10.38
N GLN B 300 -0.60 -7.71 9.20
CA GLN B 300 -0.36 -8.40 7.95
C GLN B 300 0.71 -7.78 7.09
N GLY B 301 1.28 -6.64 7.48
CA GLY B 301 2.19 -5.93 6.62
C GLY B 301 1.57 -5.51 5.31
N ALA B 302 0.25 -5.39 5.26
CA ALA B 302 -0.48 -5.13 4.03
C ALA B 302 -0.36 -3.67 3.63
N SER B 303 -0.95 -3.33 2.49
CA SER B 303 -0.94 -1.95 2.00
C SER B 303 -2.20 -1.71 1.19
N PHE B 304 -2.61 -0.44 1.15
CA PHE B 304 -3.79 0.00 0.42
C PHE B 304 -3.39 1.05 -0.60
N GLY B 305 -3.97 0.97 -1.80
CA GLY B 305 -3.61 1.89 -2.86
C GLY B 305 -4.62 1.88 -3.98
N SER B 306 -4.34 2.70 -4.99
CA SER B 306 -5.20 2.83 -6.16
C SER B 306 -4.42 2.43 -7.41
N SER B 307 -5.11 2.48 -8.55
CA SER B 307 -4.51 2.22 -9.84
C SER B 307 -5.37 2.84 -10.92
N LEU B 308 -4.74 3.48 -11.89
CA LEU B 308 -5.44 4.18 -12.97
C LEU B 308 -4.93 3.66 -14.31
N LEU B 309 -5.84 3.18 -15.14
CA LEU B 309 -5.58 2.78 -16.53
C LEU B 309 -4.43 1.76 -16.55
N GLY B 310 -3.61 1.84 -17.59
CA GLY B 310 -2.43 1.00 -17.75
C GLY B 310 -1.50 1.62 -18.77
N SER B 311 -0.38 0.93 -18.99
CA SER B 311 0.61 1.39 -19.96
C SER B 311 0.33 0.78 -21.34
N LYS B 312 0.87 1.43 -22.37
CA LYS B 312 0.67 0.95 -23.73
C LYS B 312 1.23 -0.45 -23.93
N THR B 313 2.39 -0.74 -23.32
CA THR B 313 2.95 -2.08 -23.41
C THR B 313 2.07 -3.10 -22.67
N GLU B 314 1.41 -2.67 -21.59
CA GLU B 314 0.45 -3.53 -20.92
C GLU B 314 -0.77 -3.79 -21.80
N VAL B 315 -1.18 -2.78 -22.56
CA VAL B 315 -2.32 -2.95 -23.47
C VAL B 315 -2.02 -4.01 -24.52
N LYS B 316 -0.80 -3.97 -25.08
CA LYS B 316 -0.41 -4.96 -26.07
C LYS B 316 -0.41 -6.37 -25.46
N GLU B 317 0.23 -6.52 -24.30
CA GLU B 317 0.24 -7.82 -23.63
C GLU B 317 -1.17 -8.26 -23.24
N MET B 318 -2.05 -7.30 -22.94
CA MET B 318 -3.43 -7.64 -22.64
C MET B 318 -4.14 -8.19 -23.87
N LEU B 319 -4.03 -7.48 -25.00
CA LEU B 319 -4.63 -7.96 -26.24
C LEU B 319 -4.01 -9.28 -26.69
N ASN B 320 -2.72 -9.45 -26.44
CA ASN B 320 -2.07 -10.73 -26.77
C ASN B 320 -2.60 -11.85 -25.87
N LEU B 321 -2.74 -11.57 -24.57
CA LEU B 321 -3.29 -12.57 -23.67
C LEU B 321 -4.79 -12.77 -23.90
N ALA B 322 -5.51 -11.70 -24.26
CA ALA B 322 -6.94 -11.81 -24.48
C ALA B 322 -7.25 -12.67 -25.69
N ALA B 323 -6.48 -12.53 -26.76
CA ALA B 323 -6.69 -13.35 -27.95
C ALA B 323 -6.13 -14.77 -27.78
N LYS B 324 -5.08 -14.92 -26.97
CA LYS B 324 -4.50 -16.24 -26.76
C LYS B 324 -5.41 -17.12 -25.90
N HIS B 325 -6.01 -16.55 -24.85
CA HIS B 325 -6.88 -17.29 -23.96
C HIS B 325 -8.35 -17.02 -24.22
N ASN B 326 -8.67 -16.33 -25.31
CA ASN B 326 -10.04 -15.97 -25.68
C ASN B 326 -10.78 -15.32 -24.51
N VAL B 327 -10.26 -14.14 -24.15
CA VAL B 327 -10.80 -13.36 -23.04
C VAL B 327 -11.62 -12.25 -23.66
N ARG B 328 -12.93 -12.48 -23.79
CA ARG B 328 -13.82 -11.49 -24.35
C ARG B 328 -14.85 -11.07 -23.29
N PRO B 329 -15.23 -9.80 -23.26
CA PRO B 329 -16.22 -9.35 -22.28
C PRO B 329 -17.63 -9.60 -22.77
N MET B 330 -18.51 -9.96 -21.83
CA MET B 330 -19.93 -10.09 -22.15
C MET B 330 -20.50 -8.69 -22.39
N ILE B 331 -21.13 -8.49 -23.55
CA ILE B 331 -21.57 -7.17 -23.95
C ILE B 331 -23.03 -7.22 -24.38
N GLU B 332 -23.65 -6.04 -24.36
CA GLU B 332 -25.00 -5.84 -24.88
C GLU B 332 -24.91 -4.77 -25.97
N GLU B 333 -25.02 -5.19 -27.23
CA GLU B 333 -24.89 -4.26 -28.33
C GLU B 333 -26.10 -3.33 -28.40
N VAL B 334 -25.84 -2.06 -28.67
CA VAL B 334 -26.90 -1.04 -28.69
C VAL B 334 -26.57 -0.01 -29.78
N PRO B 335 -27.33 0.03 -30.87
CA PRO B 335 -27.05 1.02 -31.92
C PRO B 335 -27.22 2.44 -31.39
N ILE B 336 -26.19 3.25 -31.58
CA ILE B 336 -26.15 4.57 -30.95
C ILE B 336 -27.24 5.46 -31.53
N SER B 337 -27.94 6.17 -30.64
CA SER B 337 -29.02 7.08 -30.99
C SER B 337 -29.43 7.82 -29.73
N GLU B 338 -30.15 8.93 -29.91
CA GLU B 338 -30.57 9.74 -28.77
C GLU B 338 -31.39 8.92 -27.78
N GLU B 339 -32.31 8.09 -28.28
CA GLU B 339 -33.13 7.27 -27.41
C GLU B 339 -32.37 6.08 -26.84
N ASN B 340 -31.40 5.56 -27.60
CA ASN B 340 -30.65 4.39 -27.15
C ASN B 340 -29.62 4.76 -26.09
N CYS B 341 -28.96 5.91 -26.25
CA CYS B 341 -28.01 6.32 -25.22
C CYS B 341 -28.72 6.53 -23.88
N ALA B 342 -29.90 7.15 -23.89
CA ALA B 342 -30.63 7.34 -22.63
C ALA B 342 -31.08 6.00 -22.04
N LYS B 343 -31.36 5.01 -22.89
CA LYS B 343 -31.74 3.69 -22.38
C LYS B 343 -30.57 3.03 -21.66
N ALA B 344 -29.39 3.04 -22.29
CA ALA B 344 -28.24 2.35 -21.71
C ALA B 344 -27.70 3.08 -20.49
N LEU B 345 -27.67 4.42 -20.53
CA LEU B 345 -27.18 5.18 -19.38
C LEU B 345 -28.08 4.99 -18.17
N ASP B 346 -29.39 4.95 -18.38
CA ASP B 346 -30.31 4.67 -17.28
C ASP B 346 -30.07 3.28 -16.70
N ARG B 347 -29.82 2.30 -17.57
CA ARG B 347 -29.62 0.94 -17.10
C ARG B 347 -28.22 0.75 -16.53
N CYS B 348 -27.20 1.38 -17.12
CA CYS B 348 -25.84 1.18 -16.64
C CYS B 348 -25.65 1.81 -15.26
N HIS B 349 -26.30 2.96 -15.02
CA HIS B 349 -26.21 3.60 -13.71
C HIS B 349 -26.77 2.70 -12.62
N ALA B 350 -27.78 1.89 -12.93
CA ALA B 350 -28.39 0.97 -11.99
C ALA B 350 -27.73 -0.41 -11.98
N GLY B 351 -26.66 -0.58 -12.75
CA GLY B 351 -26.01 -1.88 -12.83
C GLY B 351 -26.79 -2.92 -13.61
N ASP B 352 -27.78 -2.50 -14.38
CA ASP B 352 -28.64 -3.42 -15.13
C ASP B 352 -28.00 -3.70 -16.49
N VAL B 353 -26.89 -4.43 -16.46
CA VAL B 353 -26.17 -4.80 -17.67
C VAL B 353 -25.34 -6.04 -17.38
N ARG B 354 -25.19 -6.89 -18.39
CA ARG B 354 -24.41 -8.15 -18.30
C ARG B 354 -23.56 -8.26 -19.56
N TYR B 355 -22.41 -7.59 -19.57
CA TYR B 355 -21.93 -6.81 -18.43
C TYR B 355 -21.43 -5.44 -18.87
N ARG B 356 -21.50 -5.16 -20.17
CA ARG B 356 -20.97 -3.91 -20.70
C ARG B 356 -21.79 -3.47 -21.90
N PHE B 357 -22.33 -2.27 -21.84
CA PHE B 357 -23.05 -1.72 -22.99
C PHE B 357 -22.04 -1.21 -24.01
N VAL B 358 -22.20 -1.65 -25.25
CA VAL B 358 -21.34 -1.21 -26.35
C VAL B 358 -22.20 -0.56 -27.41
N PHE B 359 -21.83 0.66 -27.78
CA PHE B 359 -22.51 1.39 -28.83
C PHE B 359 -21.96 0.99 -30.19
N THR B 360 -22.87 0.76 -31.15
CA THR B 360 -22.49 0.32 -32.48
C THR B 360 -23.20 1.19 -33.51
N ASP B 361 -22.95 0.89 -34.79
CA ASP B 361 -23.62 1.51 -35.92
C ASP B 361 -23.44 3.03 -35.91
N PHE B 362 -22.18 3.45 -35.92
CA PHE B 362 -21.87 4.87 -35.97
C PHE B 362 -22.08 5.45 -37.37
N ASP B 363 -22.04 4.60 -38.40
CA ASP B 363 -22.28 5.06 -39.76
C ASP B 363 -23.75 5.41 -40.00
N LYS B 364 -24.65 4.94 -39.15
CA LYS B 364 -26.07 5.25 -39.30
C LYS B 364 -26.50 6.50 -38.55
N ALA B 365 -25.72 6.95 -37.56
CA ALA B 365 -26.11 8.06 -36.71
C ALA B 365 -25.53 9.40 -37.14
N PHE B 366 -24.29 9.42 -37.62
CA PHE B 366 -23.61 10.66 -37.94
C PHE B 366 -23.42 10.80 -39.45
N LYS B 367 -23.46 12.05 -39.91
CA LYS B 367 -23.29 12.36 -41.32
C LYS B 367 -21.83 12.56 -41.66
ZN ZN C . 2.55 -19.22 13.72
PA NDP D . 11.10 8.32 19.22
O1A NDP D . 10.40 9.27 20.13
O2A NDP D . 12.37 7.64 19.64
O5B NDP D . 11.31 9.04 17.76
C5B NDP D . 10.17 9.82 17.62
C4B NDP D . 10.36 10.81 16.52
O4B NDP D . 9.11 11.05 15.87
C3B NDP D . 10.82 12.11 17.16
O3B NDP D . 12.21 12.13 17.21
C2B NDP D . 10.35 13.12 16.13
O2B NDP D . 11.15 13.20 15.08
C1B NDP D . 8.98 12.47 15.70
N9A NDP D . 7.82 12.92 16.50
C8A NDP D . 7.78 13.17 17.89
N7A NDP D . 6.56 13.57 18.32
C5A NDP D . 5.77 13.57 17.15
C6A NDP D . 4.41 13.89 16.93
N6A NDP D . 3.61 14.29 17.98
N1A NDP D . 3.86 13.83 15.68
C2A NDP D . 4.72 13.43 14.68
N3A NDP D . 6.03 13.10 14.73
C4A NDP D . 6.54 13.17 16.02
O3 NDP D . 9.93 7.16 19.07
PN NDP D . 10.60 5.74 18.76
O1N NDP D . 11.51 5.85 17.60
O2N NDP D . 10.91 4.93 20.00
O5D NDP D . 9.34 4.76 18.05
C5D NDP D . 8.76 5.52 17.07
C4D NDP D . 7.45 4.86 16.66
O4D NDP D . 7.69 3.50 16.25
C3D NDP D . 6.54 4.80 17.92
O3D NDP D . 5.29 5.27 17.56
C2D NDP D . 6.47 3.30 18.23
O2D NDP D . 5.21 2.92 18.67
C1D NDP D . 6.68 2.70 16.81
N1N NDP D . 7.17 1.33 16.91
C2N NDP D . 6.70 0.39 16.04
C3N NDP D . 7.30 -0.83 15.94
C7N NDP D . 6.71 -1.75 14.98
O7N NDP D . 6.91 -2.98 14.98
N7N NDP D . 5.91 -1.20 14.00
C4N NDP D . 8.49 -1.20 16.75
C5N NDP D . 8.76 -0.21 17.82
C6N NDP D . 8.13 0.97 17.88
P2B NDP D . 11.44 14.91 14.57
O1X NDP D . 10.17 15.09 13.82
O2X NDP D . 12.74 14.83 13.76
O3X NDP D . 11.53 15.51 15.95
N1 EPE E . -20.38 0.67 -10.17
C2 EPE E . -21.04 -0.45 -9.47
C3 EPE E . -21.48 -0.14 -8.05
N4 EPE E . -21.87 1.24 -7.81
C5 EPE E . -21.31 2.28 -8.64
C6 EPE E . -20.03 1.80 -9.29
C7 EPE E . -22.38 1.58 -6.48
C8 EPE E . -22.29 3.08 -6.17
O8 EPE E . -23.42 3.74 -6.71
C9 EPE E . -19.17 0.18 -10.85
C10 EPE E . -19.51 -0.12 -12.30
S EPE E . -18.16 -1.00 -13.13
O1S EPE E . -18.74 -1.85 -14.15
O2S EPE E . -17.41 -1.80 -12.17
O3S EPE E . -17.27 -0.03 -13.76
ZN ZN F . 4.75 13.19 -19.14
ZN ZN G . -13.26 4.28 -17.96
#